data_3N84
#
_entry.id   3N84
#
_cell.length_a   83.223
_cell.length_b   141.320
_cell.length_c   62.452
_cell.angle_alpha   90.00
_cell.angle_beta   89.99
_cell.angle_gamma   90.00
#
_symmetry.space_group_name_H-M   'C 1 2 1'
#
loop_
_entity.id
_entity.type
_entity.pdbx_description
1 polymer 'Growth factor receptor-bound protein 2'
2 polymer '23-membered peptide-like macrocyclic ligand'
3 non-polymer 'CHLORIDE ION'
4 non-polymer GLYCEROL
5 non-polymer 'MAGNESIUM ION'
6 water water
#
loop_
_entity_poly.entity_id
_entity_poly.type
_entity_poly.pdbx_seq_one_letter_code
_entity_poly.pdbx_strand_id
1 'polypeptide(L)'
;MIEMKPHPWFFGKIPRAKAEEMLSKQRHDGAFLIRESESAPGDFSLSVKFGNDVQHFKVLRDGAGKYFLWVVKFNSLNEL
VDYHRSTSVSRNQQIFLRDIEQVPQQPTYVQA
;
A,B,C,D,E,F
2 'polypeptide(L)' (PTR)VNVP(011) G,H,I,J,K,L
#
# COMPACT_ATOMS: atom_id res chain seq x y z
N MET A 4 21.16 18.21 32.64
CA MET A 4 19.93 18.96 32.27
C MET A 4 18.69 18.08 32.27
N LYS A 5 18.43 17.40 31.16
CA LYS A 5 17.26 16.52 31.01
C LYS A 5 17.72 15.12 30.59
N PRO A 6 17.15 14.04 31.21
CA PRO A 6 17.57 12.68 30.78
C PRO A 6 17.06 12.42 29.36
N HIS A 7 17.74 11.52 28.66
CA HIS A 7 17.40 11.20 27.28
C HIS A 7 16.16 10.30 27.24
N PRO A 8 15.31 10.48 26.20
CA PRO A 8 14.11 9.65 26.11
C PRO A 8 14.28 8.34 25.33
N TRP A 9 15.52 8.04 24.94
CA TRP A 9 15.75 6.90 24.04
C TRP A 9 16.57 5.73 24.62
N PHE A 10 17.07 5.81 25.86
CA PHE A 10 17.85 4.69 26.42
C PHE A 10 16.92 3.86 27.32
N PHE A 11 16.63 2.63 26.89
CA PHE A 11 15.66 1.76 27.57
C PHE A 11 16.26 0.60 28.36
N GLY A 12 17.57 0.38 28.32
CA GLY A 12 18.07 -0.72 29.12
C GLY A 12 17.79 -2.10 28.57
N LYS A 13 17.68 -3.12 29.41
CA LYS A 13 17.50 -4.51 28.95
C LYS A 13 16.02 -4.90 28.78
N ILE A 14 15.50 -4.61 27.61
CA ILE A 14 14.11 -4.95 27.26
C ILE A 14 14.20 -5.92 26.08
N PRO A 15 13.28 -6.92 26.00
CA PRO A 15 13.31 -7.87 24.89
C PRO A 15 13.18 -7.17 23.54
N ARG A 16 13.80 -7.75 22.53
CA ARG A 16 13.69 -7.22 21.16
C ARG A 16 12.22 -7.12 20.74
N ALA A 17 11.43 -8.16 21.08
CA ALA A 17 9.99 -8.25 20.74
C ALA A 17 9.20 -7.11 21.40
N LYS A 18 9.61 -6.72 22.61
CA LYS A 18 8.95 -5.64 23.37
C LYS A 18 9.34 -4.28 22.78
N ALA A 19 10.56 -4.20 22.21
CA ALA A 19 11.02 -2.97 21.54
C ALA A 19 10.12 -2.79 20.31
N GLU A 20 9.81 -3.93 19.68
CA GLU A 20 8.96 -3.96 18.48
C GLU A 20 7.51 -3.61 18.83
N GLU A 21 7.00 -4.13 19.94
CA GLU A 21 5.63 -3.88 20.39
C GLU A 21 5.43 -2.39 20.66
N MET A 22 6.38 -1.77 21.35
CA MET A 22 6.34 -0.34 21.68
C MET A 22 6.41 0.53 20.43
N LEU A 23 7.44 0.35 19.61
CA LEU A 23 7.65 1.18 18.42
C LEU A 23 6.57 1.01 17.35
N SER A 24 5.90 -0.15 17.30
CA SER A 24 4.87 -0.34 16.27
C SER A 24 3.64 0.52 16.54
N LYS A 25 3.57 1.11 17.73
CA LYS A 25 2.47 2.00 18.14
C LYS A 25 2.78 3.47 17.84
N GLN A 26 4.06 3.78 17.56
CA GLN A 26 4.48 5.16 17.24
C GLN A 26 4.00 5.51 15.84
N ARG A 27 3.67 6.77 15.56
CA ARG A 27 3.17 7.04 14.19
C ARG A 27 4.27 7.42 13.20
N HIS A 28 5.40 7.95 13.66
CA HIS A 28 6.45 8.38 12.71
C HIS A 28 7.59 7.38 12.56
N ASP A 29 8.00 7.22 11.31
CA ASP A 29 9.17 6.41 10.93
C ASP A 29 10.38 7.13 11.51
N GLY A 30 11.31 6.37 12.07
CA GLY A 30 12.46 6.98 12.68
C GLY A 30 12.38 6.96 14.19
N ALA A 31 11.17 6.86 14.77
CA ALA A 31 11.00 6.77 16.23
C ALA A 31 11.86 5.59 16.67
N PHE A 32 12.73 5.81 17.66
CA PHE A 32 13.68 4.75 18.01
C PHE A 32 13.96 4.67 19.51
N LEU A 33 14.80 3.69 19.82
CA LEU A 33 15.32 3.47 21.16
C LEU A 33 16.63 2.68 21.06
N ILE A 34 17.44 2.83 22.08
CA ILE A 34 18.66 2.03 22.22
C ILE A 34 18.36 1.11 23.40
N ARG A 35 18.66 -0.17 23.26
CA ARG A 35 18.42 -1.10 24.38
C ARG A 35 19.68 -1.94 24.59
N GLU A 36 19.80 -2.51 25.78
CA GLU A 36 20.89 -3.45 26.07
C GLU A 36 20.44 -4.80 25.49
N SER A 37 21.23 -5.37 24.57
CA SER A 37 20.91 -6.62 23.88
C SER A 37 20.86 -7.82 24.83
N GLU A 38 19.90 -8.71 24.58
CA GLU A 38 19.78 -9.95 25.38
C GLU A 38 20.56 -11.06 24.68
N SER A 39 20.56 -11.03 23.34
CA SER A 39 21.24 -12.04 22.52
C SER A 39 22.76 -11.86 22.59
N ALA A 40 23.18 -10.61 22.76
CA ALA A 40 24.62 -10.28 22.90
C ALA A 40 24.83 -9.45 24.16
N PRO A 41 25.03 -10.12 25.34
CA PRO A 41 25.25 -9.42 26.63
C PRO A 41 26.39 -8.41 26.53
N GLY A 42 26.19 -7.21 27.06
CA GLY A 42 27.22 -6.17 27.00
C GLY A 42 27.22 -5.34 25.73
N ASP A 43 26.35 -5.69 24.78
CA ASP A 43 26.27 -4.90 23.55
C ASP A 43 24.94 -4.16 23.48
N PHE A 44 24.88 -3.17 22.60
CA PHE A 44 23.69 -2.33 22.44
C PHE A 44 23.06 -2.55 21.06
N SER A 45 21.75 -2.43 21.06
CA SER A 45 20.98 -2.55 19.81
C SER A 45 20.12 -1.30 19.67
N LEU A 46 20.01 -0.84 18.44
CA LEU A 46 19.20 0.34 18.10
C LEU A 46 17.98 -0.15 17.32
N SER A 47 16.78 0.12 17.82
CA SER A 47 15.54 -0.33 17.16
C SER A 47 14.79 0.90 16.64
N VAL A 48 14.22 0.81 15.44
CA VAL A 48 13.62 1.98 14.80
C VAL A 48 12.36 1.59 14.03
N LYS A 49 11.29 2.36 14.21
CA LYS A 49 10.05 2.11 13.44
C LYS A 49 10.29 2.49 11.98
N PHE A 50 9.77 1.65 11.08
CA PHE A 50 9.88 1.84 9.63
C PHE A 50 8.68 1.17 8.96
N GLY A 51 7.65 1.98 8.66
CA GLY A 51 6.42 1.50 8.05
C GLY A 51 5.73 0.54 9.00
N ASN A 52 5.31 -0.62 8.49
CA ASN A 52 4.62 -1.62 9.32
C ASN A 52 5.62 -2.60 9.92
N ASP A 53 6.89 -2.20 9.98
CA ASP A 53 7.93 -3.04 10.59
C ASP A 53 8.83 -2.20 11.49
N VAL A 54 9.69 -2.90 12.22
CA VAL A 54 10.67 -2.29 13.13
C VAL A 54 12.03 -2.90 12.76
N GLN A 55 12.98 -2.02 12.43
CA GLN A 55 14.32 -2.48 12.02
C GLN A 55 15.27 -2.43 13.22
N HIS A 56 16.24 -3.35 13.27
CA HIS A 56 17.18 -3.38 14.38
C HIS A 56 18.61 -3.24 13.84
N PHE A 57 19.40 -2.43 14.55
CA PHE A 57 20.80 -2.17 14.16
C PHE A 57 21.70 -2.61 15.31
N LYS A 58 22.75 -3.33 14.98
CA LYS A 58 23.68 -3.76 16.02
C LYS A 58 24.75 -2.67 16.18
N VAL A 59 24.94 -2.20 17.42
CA VAL A 59 25.95 -1.18 17.71
C VAL A 59 27.27 -1.90 17.95
N LEU A 60 28.14 -1.82 16.96
CA LEU A 60 29.45 -2.49 17.02
C LEU A 60 30.45 -1.64 17.81
N ARG A 61 31.45 -2.32 18.38
CA ARG A 61 32.51 -1.67 19.16
C ARG A 61 33.86 -2.06 18.55
N ASP A 62 34.81 -1.13 18.55
CA ASP A 62 36.16 -1.46 18.05
C ASP A 62 37.08 -1.61 19.26
N GLY A 63 38.38 -1.82 19.00
CA GLY A 63 39.37 -1.98 20.07
C GLY A 63 39.62 -0.77 20.96
N ALA A 64 39.24 0.42 20.48
CA ALA A 64 39.41 1.67 21.25
C ALA A 64 38.13 2.04 21.98
N GLY A 65 37.14 1.14 21.96
CA GLY A 65 35.87 1.40 22.64
C GLY A 65 34.86 2.30 21.91
N LYS A 66 35.13 2.65 20.66
CA LYS A 66 34.20 3.51 19.90
C LYS A 66 32.97 2.72 19.47
N TYR A 67 31.89 3.45 19.20
CA TYR A 67 30.62 2.85 18.79
C TYR A 67 30.40 3.18 17.31
N PHE A 68 29.79 2.24 16.57
CA PHE A 68 29.48 2.45 15.14
C PHE A 68 28.45 1.45 14.62
N LEU A 69 27.88 1.82 13.49
CA LEU A 69 26.88 0.99 12.78
C LEU A 69 27.46 0.59 11.42
N TRP A 70 28.09 1.55 10.76
CA TRP A 70 28.62 1.35 9.40
C TRP A 70 30.12 1.65 9.34
N VAL A 71 30.51 2.84 8.87
CA VAL A 71 31.94 3.18 8.76
C VAL A 71 32.35 4.24 9.78
N VAL A 72 31.58 5.33 9.86
CA VAL A 72 31.88 6.45 10.77
C VAL A 72 31.78 5.95 12.22
N LYS A 73 32.78 6.29 13.02
CA LYS A 73 32.83 5.86 14.43
C LYS A 73 32.53 7.04 15.38
N PHE A 74 31.98 6.69 16.54
CA PHE A 74 31.57 7.68 17.54
C PHE A 74 32.14 7.35 18.92
N ASN A 75 32.27 8.41 19.73
CA ASN A 75 32.83 8.30 21.08
C ASN A 75 31.73 8.07 22.12
N SER A 76 30.48 8.05 21.67
CA SER A 76 29.36 7.84 22.60
C SER A 76 28.11 7.46 21.80
N LEU A 77 27.19 6.82 22.50
CA LEU A 77 25.88 6.49 21.92
C LEU A 77 25.18 7.81 21.60
N ASN A 78 25.32 8.80 22.50
CA ASN A 78 24.73 10.13 22.36
C ASN A 78 25.12 10.75 21.01
N GLU A 79 26.38 10.61 20.63
CA GLU A 79 26.84 11.18 19.36
C GLU A 79 26.36 10.32 18.19
N LEU A 80 26.35 9.00 18.36
CA LEU A 80 25.84 8.14 17.29
C LEU A 80 24.40 8.52 16.96
N VAL A 81 23.60 8.63 18.02
CA VAL A 81 22.17 8.99 17.91
C VAL A 81 21.99 10.35 17.25
N ASP A 82 22.70 11.36 17.76
CA ASP A 82 22.50 12.71 17.22
C ASP A 82 22.90 12.85 15.75
N TYR A 83 23.94 12.12 15.32
CA TYR A 83 24.42 12.19 13.94
C TYR A 83 23.34 11.64 13.00
N HIS A 84 22.71 10.55 13.46
CA HIS A 84 21.68 9.84 12.69
C HIS A 84 20.31 10.52 12.73
N ARG A 85 20.25 11.74 13.27
CA ARG A 85 19.02 12.53 13.24
C ARG A 85 19.00 13.31 11.93
N SER A 86 20.19 13.47 11.35
CA SER A 86 20.38 14.27 10.12
C SER A 86 20.86 13.42 8.95
N THR A 87 21.56 12.32 9.24
CA THR A 87 22.03 11.39 8.21
C THR A 87 21.34 10.05 8.47
N SER A 88 20.90 9.38 7.42
CA SER A 88 20.14 8.12 7.56
C SER A 88 20.92 7.08 8.37
N VAL A 89 20.22 6.51 9.35
CA VAL A 89 20.72 5.47 10.26
C VAL A 89 21.01 4.19 9.46
N SER A 90 20.55 4.17 8.23
CA SER A 90 20.75 2.97 7.40
C SER A 90 21.40 3.33 6.06
N ARG A 91 22.22 2.42 5.55
CA ARG A 91 22.83 2.61 4.23
C ARG A 91 21.91 2.01 3.15
N ASN A 92 20.80 1.39 3.55
CA ASN A 92 19.92 0.71 2.58
C ASN A 92 18.70 1.57 2.21
N GLN A 93 18.04 2.12 3.23
CA GLN A 93 16.90 3.04 3.01
C GLN A 93 17.17 4.33 3.78
N GLN A 94 16.42 5.38 3.47
CA GLN A 94 16.52 6.69 4.14
C GLN A 94 15.60 6.72 5.35
N ILE A 95 16.21 6.64 6.54
CA ILE A 95 15.50 6.63 7.83
C ILE A 95 16.27 7.54 8.79
N PHE A 96 15.66 8.64 9.19
CA PHE A 96 16.27 9.63 10.09
C PHE A 96 15.69 9.44 11.49
N LEU A 97 16.57 9.40 12.50
CA LEU A 97 16.14 9.18 13.89
C LEU A 97 15.39 10.38 14.45
N ARG A 98 14.29 10.08 15.16
CA ARG A 98 13.47 11.11 15.80
C ARG A 98 12.93 10.54 17.11
N ASP A 99 12.84 11.41 18.10
CA ASP A 99 12.44 10.98 19.45
C ASP A 99 11.04 10.36 19.48
N ILE A 100 10.93 9.32 20.30
CA ILE A 100 9.67 8.63 20.56
C ILE A 100 8.70 9.66 21.16
N GLU A 101 7.43 9.55 20.79
CA GLU A 101 6.37 10.43 21.31
C GLU A 101 5.61 9.69 22.41
N GLN A 102 5.35 10.38 23.52
CA GLN A 102 4.58 9.86 24.66
C GLN A 102 3.17 9.48 24.16
N VAL A 103 2.73 8.26 24.45
CA VAL A 103 1.35 7.88 24.09
C VAL A 103 0.68 7.27 25.31
N PRO A 104 0.19 8.13 26.24
CA PRO A 104 -0.48 7.75 27.51
C PRO A 104 -1.59 6.69 27.47
N GLN A 105 -2.33 6.65 26.35
CA GLN A 105 -3.43 5.71 26.16
C GLN A 105 -2.94 4.36 25.62
N GLN A 106 -1.66 4.28 25.23
CA GLN A 106 -1.11 3.04 24.65
C GLN A 106 0.18 2.60 25.34
N PRO A 107 0.14 2.24 26.65
CA PRO A 107 1.39 1.82 27.31
C PRO A 107 1.85 0.40 26.93
N THR A 108 3.15 0.17 26.99
CA THR A 108 3.70 -1.16 26.70
C THR A 108 4.34 -1.66 27.99
N TYR A 109 4.16 -2.95 28.30
CA TYR A 109 4.68 -3.53 29.55
C TYR A 109 5.71 -4.64 29.33
N VAL A 110 6.70 -4.66 30.23
CA VAL A 110 7.72 -5.71 30.27
C VAL A 110 7.49 -6.49 31.57
N GLN A 111 8.05 -7.68 31.66
CA GLN A 111 7.84 -8.53 32.83
C GLN A 111 8.85 -8.16 33.93
N ALA A 112 8.42 -8.41 35.17
CA ALA A 112 9.26 -8.21 36.37
C ALA A 112 9.85 -9.57 36.73
N GLU B 3 -1.77 -2.28 -29.05
CA GLU B 3 -0.65 -3.13 -28.53
C GLU B 3 -0.57 -3.14 -27.00
N MET B 4 -1.64 -2.67 -26.34
CA MET B 4 -1.72 -2.66 -24.87
C MET B 4 -1.94 -4.09 -24.39
N LYS B 5 -0.97 -4.63 -23.65
CA LYS B 5 -0.98 -6.02 -23.20
C LYS B 5 -0.78 -6.11 -21.69
N PRO B 6 -1.26 -7.20 -21.05
CA PRO B 6 -1.04 -7.33 -19.59
C PRO B 6 0.44 -7.65 -19.39
N HIS B 7 0.96 -7.39 -18.20
CA HIS B 7 2.39 -7.63 -17.96
C HIS B 7 2.65 -9.09 -17.59
N PRO B 8 3.61 -9.75 -18.28
CA PRO B 8 3.92 -11.15 -17.99
C PRO B 8 4.71 -11.43 -16.72
N TRP B 9 5.03 -10.37 -15.98
CA TRP B 9 5.79 -10.48 -14.74
C TRP B 9 4.90 -10.49 -13.49
N PHE B 10 3.58 -10.27 -13.63
CA PHE B 10 2.70 -10.24 -12.45
C PHE B 10 2.02 -11.59 -12.25
N PHE B 11 2.36 -12.26 -11.13
CA PHE B 11 1.86 -13.60 -10.82
C PHE B 11 0.88 -13.61 -9.65
N GLY B 12 0.58 -12.43 -9.09
CA GLY B 12 -0.32 -12.40 -7.95
C GLY B 12 0.16 -13.16 -6.72
N LYS B 13 -0.78 -13.80 -6.05
CA LYS B 13 -0.47 -14.52 -4.81
C LYS B 13 -0.02 -15.95 -5.10
N ILE B 14 1.30 -16.14 -5.09
CA ILE B 14 1.95 -17.44 -5.29
C ILE B 14 3.00 -17.62 -4.18
N PRO B 15 3.24 -18.87 -3.70
CA PRO B 15 4.26 -19.04 -2.63
C PRO B 15 5.66 -18.65 -3.11
N ARG B 16 6.47 -18.14 -2.19
CA ARG B 16 7.88 -17.80 -2.46
C ARG B 16 8.61 -19.03 -3.00
N ALA B 17 8.34 -20.19 -2.42
CA ALA B 17 8.97 -21.45 -2.85
C ALA B 17 8.67 -21.74 -4.33
N LYS B 18 7.44 -21.43 -4.74
CA LYS B 18 6.97 -21.64 -6.13
C LYS B 18 7.63 -20.62 -7.05
N ALA B 19 7.85 -19.41 -6.55
CA ALA B 19 8.57 -18.42 -7.37
C ALA B 19 10.00 -18.92 -7.59
N GLU B 20 10.59 -19.48 -6.53
CA GLU B 20 11.96 -20.02 -6.61
C GLU B 20 12.04 -21.20 -7.59
N GLU B 21 11.11 -22.13 -7.50
CA GLU B 21 11.12 -23.32 -8.38
C GLU B 21 10.97 -22.89 -9.84
N MET B 22 10.12 -21.91 -10.09
CA MET B 22 9.90 -21.40 -11.45
C MET B 22 11.15 -20.69 -11.98
N LEU B 23 11.69 -19.77 -11.18
CA LEU B 23 12.84 -18.97 -11.61
C LEU B 23 14.13 -19.77 -11.69
N SER B 24 14.26 -20.85 -10.91
CA SER B 24 15.50 -21.64 -10.99
C SER B 24 15.60 -22.40 -12.32
N LYS B 25 14.48 -22.50 -13.05
CA LYS B 25 14.44 -23.22 -14.34
C LYS B 25 14.77 -22.29 -15.50
N GLN B 26 14.75 -20.97 -15.25
CA GLN B 26 15.08 -19.94 -16.25
C GLN B 26 16.58 -19.97 -16.52
N ARG B 27 17.03 -19.56 -17.70
CA ARG B 27 18.48 -19.71 -17.96
C ARG B 27 19.27 -18.41 -17.82
N HIS B 28 18.58 -17.27 -17.73
CA HIS B 28 19.24 -15.96 -17.64
C HIS B 28 19.14 -15.34 -16.24
N ASP B 29 20.27 -14.77 -15.78
CA ASP B 29 20.27 -14.06 -14.49
C ASP B 29 19.44 -12.79 -14.66
N GLY B 30 18.61 -12.45 -13.69
CA GLY B 30 17.79 -11.26 -13.84
C GLY B 30 16.34 -11.57 -14.21
N ALA B 31 16.07 -12.83 -14.58
CA ALA B 31 14.71 -13.29 -14.88
C ALA B 31 13.92 -13.07 -13.60
N PHE B 32 12.76 -12.43 -13.69
CA PHE B 32 12.06 -12.05 -12.46
C PHE B 32 10.54 -12.13 -12.59
N LEU B 33 9.94 -11.92 -11.43
CA LEU B 33 8.47 -11.82 -11.32
C LEU B 33 8.15 -10.99 -10.07
N ILE B 34 6.95 -10.44 -10.10
CA ILE B 34 6.40 -9.75 -8.93
C ILE B 34 5.28 -10.65 -8.41
N ARG B 35 5.32 -10.97 -7.13
CA ARG B 35 4.25 -11.74 -6.49
C ARG B 35 3.73 -10.94 -5.30
N GLU B 36 2.52 -11.29 -4.86
CA GLU B 36 1.92 -10.68 -3.66
C GLU B 36 2.34 -11.55 -2.47
N SER B 37 3.03 -10.92 -1.51
CA SER B 37 3.54 -11.63 -0.31
C SER B 37 2.39 -12.22 0.51
N GLU B 38 2.63 -13.43 0.98
CA GLU B 38 1.69 -14.15 1.86
C GLU B 38 2.03 -13.82 3.31
N SER B 39 3.33 -13.71 3.66
CA SER B 39 3.81 -13.40 5.02
C SER B 39 3.43 -11.98 5.41
N ALA B 40 3.39 -11.08 4.42
CA ALA B 40 3.02 -9.68 4.65
C ALA B 40 1.88 -9.30 3.71
N PRO B 41 0.61 -9.64 4.06
CA PRO B 41 -0.55 -9.32 3.20
C PRO B 41 -0.58 -7.85 2.77
N GLY B 42 -0.69 -7.61 1.47
CA GLY B 42 -0.73 -6.22 0.98
C GLY B 42 0.62 -5.76 0.47
N ASP B 43 1.66 -6.52 0.78
CA ASP B 43 3.02 -6.19 0.31
C ASP B 43 3.32 -6.99 -0.96
N PHE B 44 4.24 -6.43 -1.75
CA PHE B 44 4.70 -7.09 -2.97
C PHE B 44 6.15 -7.51 -2.76
N SER B 45 6.50 -8.61 -3.41
CA SER B 45 7.86 -9.15 -3.36
C SER B 45 8.36 -9.37 -4.79
N LEU B 46 9.60 -8.94 -5.01
CA LEU B 46 10.21 -9.10 -6.34
C LEU B 46 11.20 -10.26 -6.24
N SER B 47 10.95 -11.32 -7.02
CA SER B 47 11.82 -12.50 -6.99
C SER B 47 12.68 -12.50 -8.25
N VAL B 48 13.98 -12.77 -8.11
CA VAL B 48 14.91 -12.67 -9.25
C VAL B 48 15.92 -13.83 -9.27
N LYS B 49 16.17 -14.36 -10.47
CA LYS B 49 17.15 -15.45 -10.63
C LYS B 49 18.57 -14.86 -10.58
N PHE B 50 19.44 -15.52 -9.82
CA PHE B 50 20.85 -15.11 -9.72
C PHE B 50 21.68 -16.37 -9.47
N GLY B 51 22.29 -16.90 -10.55
CA GLY B 51 23.06 -18.14 -10.46
C GLY B 51 22.20 -19.33 -10.05
N ASN B 52 22.69 -20.13 -9.10
CA ASN B 52 21.95 -21.31 -8.63
C ASN B 52 21.04 -20.95 -7.46
N ASP B 53 20.76 -19.67 -7.31
CA ASP B 53 19.87 -19.23 -6.23
C ASP B 53 18.88 -18.20 -6.76
N VAL B 54 17.91 -17.85 -5.91
CA VAL B 54 16.90 -16.86 -6.27
C VAL B 54 16.86 -15.80 -5.17
N GLN B 55 17.03 -14.53 -5.56
CA GLN B 55 17.01 -13.44 -4.57
C GLN B 55 15.62 -12.79 -4.57
N HIS B 56 15.20 -12.40 -3.38
CA HIS B 56 13.90 -11.75 -3.17
C HIS B 56 14.10 -10.35 -2.58
N PHE B 57 13.31 -9.40 -3.07
CA PHE B 57 13.37 -8.00 -2.64
C PHE B 57 11.99 -7.56 -2.14
N LYS B 58 11.93 -7.02 -0.94
CA LYS B 58 10.62 -6.57 -0.45
C LYS B 58 10.35 -5.17 -1.01
N VAL B 59 9.19 -5.03 -1.65
CA VAL B 59 8.79 -3.72 -2.17
C VAL B 59 8.20 -2.94 -1.00
N LEU B 60 8.82 -1.80 -0.72
CA LEU B 60 8.43 -0.91 0.38
C LEU B 60 7.53 0.20 -0.16
N ARG B 61 6.77 0.82 0.75
CA ARG B 61 5.82 1.89 0.42
C ARG B 61 6.00 3.01 1.44
N ASP B 62 6.14 4.27 0.98
CA ASP B 62 6.30 5.38 1.93
C ASP B 62 4.94 5.90 2.39
N GLY B 63 4.96 7.07 3.04
CA GLY B 63 3.74 7.72 3.53
C GLY B 63 2.87 8.26 2.40
N ALA B 64 3.51 8.63 1.29
CA ALA B 64 2.83 9.16 0.10
C ALA B 64 2.31 8.02 -0.76
N GLY B 65 2.71 6.80 -0.43
CA GLY B 65 2.28 5.61 -1.15
C GLY B 65 3.19 5.19 -2.28
N LYS B 66 4.29 5.91 -2.48
CA LYS B 66 5.23 5.58 -3.57
C LYS B 66 5.95 4.28 -3.22
N TYR B 67 6.36 3.51 -4.22
CA TYR B 67 7.03 2.24 -3.98
C TYR B 67 8.54 2.43 -4.13
N PHE B 68 9.32 1.63 -3.40
CA PHE B 68 10.78 1.67 -3.49
C PHE B 68 11.39 0.38 -2.92
N LEU B 69 12.67 0.20 -3.23
CA LEU B 69 13.47 -0.94 -2.74
C LEU B 69 14.62 -0.40 -1.89
N TRP B 70 15.17 0.73 -2.33
CA TRP B 70 16.30 1.33 -1.61
C TRP B 70 16.00 2.80 -1.28
N VAL B 71 16.42 3.74 -2.14
CA VAL B 71 16.21 5.18 -1.90
C VAL B 71 15.32 5.83 -2.96
N VAL B 72 15.55 5.54 -4.25
CA VAL B 72 14.77 6.08 -5.37
C VAL B 72 13.30 5.63 -5.25
N LYS B 73 12.39 6.59 -5.38
CA LYS B 73 10.94 6.38 -5.25
C LYS B 73 10.29 6.28 -6.62
N PHE B 74 9.23 5.44 -6.73
CA PHE B 74 8.49 5.22 -7.99
C PHE B 74 6.98 5.38 -7.76
N ASN B 75 6.28 5.81 -8.79
CA ASN B 75 4.83 6.07 -8.73
C ASN B 75 4.00 4.83 -9.02
N SER B 76 4.64 3.72 -9.37
CA SER B 76 3.95 2.47 -9.68
C SER B 76 4.96 1.32 -9.69
N LEU B 77 4.44 0.09 -9.55
CA LEU B 77 5.28 -1.11 -9.63
C LEU B 77 5.85 -1.18 -11.05
N ASN B 78 5.04 -0.78 -12.04
CA ASN B 78 5.41 -0.77 -13.47
C ASN B 78 6.70 0.02 -13.69
N GLU B 79 6.78 1.19 -13.07
CA GLU B 79 7.95 2.07 -13.22
C GLU B 79 9.14 1.52 -12.44
N LEU B 80 8.89 0.96 -11.25
CA LEU B 80 9.97 0.34 -10.45
C LEU B 80 10.63 -0.76 -11.27
N VAL B 81 9.79 -1.61 -11.86
CA VAL B 81 10.24 -2.75 -12.67
C VAL B 81 11.03 -2.27 -13.89
N ASP B 82 10.47 -1.32 -14.63
CA ASP B 82 11.10 -0.82 -15.87
C ASP B 82 12.45 -0.15 -15.59
N TYR B 83 12.51 0.61 -14.50
CA TYR B 83 13.75 1.31 -14.11
C TYR B 83 14.88 0.29 -13.86
N HIS B 84 14.53 -0.80 -13.19
CA HIS B 84 15.52 -1.83 -12.81
C HIS B 84 15.91 -2.76 -13.96
N ARG B 85 15.40 -2.47 -15.16
CA ARG B 85 15.85 -3.21 -16.35
C ARG B 85 17.19 -2.62 -16.80
N SER B 86 17.49 -1.36 -16.42
CA SER B 86 18.73 -0.72 -16.88
C SER B 86 19.61 -0.21 -15.73
N THR B 87 19.11 -0.27 -14.51
CA THR B 87 19.88 0.08 -13.30
C THR B 87 19.74 -1.12 -12.37
N SER B 88 20.84 -1.50 -11.71
CA SER B 88 20.83 -2.69 -10.86
C SER B 88 19.68 -2.70 -9.85
N VAL B 89 19.04 -3.87 -9.69
CA VAL B 89 17.94 -4.00 -8.72
C VAL B 89 18.53 -4.12 -7.31
N SER B 90 19.84 -4.37 -7.27
CA SER B 90 20.56 -4.56 -6.00
C SER B 90 21.75 -3.60 -5.89
N ARG B 91 22.01 -3.20 -4.65
CA ARG B 91 23.13 -2.36 -4.25
C ARG B 91 24.34 -3.25 -3.96
N ASN B 92 24.12 -4.59 -3.93
CA ASN B 92 25.16 -5.56 -3.57
C ASN B 92 25.90 -6.13 -4.79
N GLN B 93 25.14 -6.60 -5.79
CA GLN B 93 25.70 -7.14 -7.03
C GLN B 93 24.93 -6.52 -8.18
N GLN B 94 25.52 -6.51 -9.39
CA GLN B 94 24.90 -5.96 -10.61
C GLN B 94 23.92 -6.98 -11.16
N ILE B 95 22.63 -6.73 -10.96
CA ILE B 95 21.56 -7.60 -11.45
C ILE B 95 20.51 -6.74 -12.17
N PHE B 96 20.33 -7.00 -13.47
CA PHE B 96 19.38 -6.24 -14.30
C PHE B 96 18.15 -7.12 -14.57
N LEU B 97 16.96 -6.54 -14.41
CA LEU B 97 15.72 -7.30 -14.61
C LEU B 97 15.49 -7.56 -16.10
N ARG B 98 15.18 -8.82 -16.42
CA ARG B 98 14.85 -9.22 -17.81
C ARG B 98 13.65 -10.16 -17.77
N ASP B 99 12.85 -10.10 -18.82
CA ASP B 99 11.58 -10.86 -18.88
C ASP B 99 11.78 -12.37 -18.82
N ILE B 100 10.85 -13.05 -18.13
CA ILE B 100 10.81 -14.52 -18.01
C ILE B 100 10.63 -15.13 -19.40
N GLU B 101 11.48 -16.10 -19.73
CA GLU B 101 11.37 -16.77 -21.04
C GLU B 101 10.25 -17.82 -21.01
N GLN B 102 9.29 -17.57 -21.91
CA GLN B 102 8.11 -18.42 -22.12
C GLN B 102 8.57 -19.70 -22.81
N VAL B 103 9.42 -20.45 -22.08
CA VAL B 103 10.08 -21.69 -22.53
C VAL B 103 9.94 -22.79 -21.47
N PRO B 104 9.28 -23.96 -21.81
CA PRO B 104 9.22 -24.93 -20.70
C PRO B 104 9.25 -26.46 -20.71
N GLN B 105 9.03 -26.81 -19.43
CA GLN B 105 8.87 -27.99 -18.59
C GLN B 105 8.76 -27.33 -17.21
N GLN B 106 7.46 -27.02 -17.05
CA GLN B 106 6.63 -26.26 -16.10
C GLN B 106 6.53 -26.66 -14.60
N PRO B 107 6.12 -25.65 -13.72
CA PRO B 107 5.82 -25.58 -12.26
C PRO B 107 4.30 -25.44 -12.19
N THR B 108 3.68 -26.21 -11.33
CA THR B 108 2.21 -26.26 -11.19
C THR B 108 1.76 -25.48 -9.95
N MET C 4 -19.72 21.64 31.99
CA MET C 4 -19.77 21.37 30.51
C MET C 4 -18.61 22.02 29.75
N LYS C 5 -18.28 21.41 28.61
CA LYS C 5 -17.21 21.87 27.72
C LYS C 5 -17.77 21.97 26.30
N PRO C 6 -17.25 22.91 25.48
CA PRO C 6 -17.76 22.99 24.11
C PRO C 6 -17.24 21.80 23.28
N HIS C 7 -17.96 21.50 22.19
CA HIS C 7 -17.59 20.39 21.30
C HIS C 7 -16.38 20.74 20.45
N PRO C 8 -15.49 19.76 20.22
CA PRO C 8 -14.29 20.00 19.41
C PRO C 8 -14.49 19.82 17.91
N TRP C 9 -15.73 19.59 17.48
CA TRP C 9 -15.96 19.24 16.08
C TRP C 9 -16.73 20.24 15.22
N PHE C 10 -17.28 21.31 15.77
CA PHE C 10 -18.03 22.30 14.98
C PHE C 10 -17.09 23.46 14.63
N PHE C 11 -16.81 23.63 13.33
CA PHE C 11 -15.84 24.62 12.85
C PHE C 11 -16.43 25.82 12.10
N GLY C 12 -17.73 25.90 11.87
CA GLY C 12 -18.19 27.09 11.16
C GLY C 12 -17.92 27.09 9.66
N LYS C 13 -17.82 28.28 9.05
CA LYS C 13 -17.68 28.42 7.59
C LYS C 13 -16.23 28.44 7.11
N ILE C 14 -15.64 27.26 7.03
CA ILE C 14 -14.26 27.10 6.53
C ILE C 14 -14.33 26.46 5.15
N PRO C 15 -13.38 26.78 4.24
CA PRO C 15 -13.49 26.13 2.92
C PRO C 15 -13.32 24.61 3.01
N ARG C 16 -13.93 23.92 2.08
CA ARG C 16 -13.81 22.45 1.99
C ARG C 16 -12.33 22.05 1.87
N ALA C 17 -11.56 22.77 1.04
CA ALA C 17 -10.13 22.51 0.81
C ALA C 17 -9.32 22.64 2.10
N LYS C 18 -9.77 23.52 2.99
CA LYS C 18 -9.10 23.78 4.28
C LYS C 18 -9.49 22.71 5.29
N ALA C 19 -10.72 22.17 5.17
CA ALA C 19 -11.15 21.07 6.05
C ALA C 19 -10.29 19.85 5.72
N GLU C 20 -9.99 19.73 4.42
CA GLU C 20 -9.13 18.67 3.87
C GLU C 20 -7.68 18.86 4.32
N GLU C 21 -7.18 20.09 4.30
CA GLU C 21 -5.80 20.39 4.69
C GLU C 21 -5.57 20.00 6.16
N MET C 22 -6.52 20.36 7.01
CA MET C 22 -6.38 20.07 8.45
C MET C 22 -6.55 18.59 8.75
N LEU C 23 -7.60 17.97 8.21
CA LEU C 23 -7.85 16.55 8.49
C LEU C 23 -6.77 15.63 7.93
N SER C 24 -6.11 15.99 6.83
CA SER C 24 -5.07 15.13 6.23
C SER C 24 -3.81 15.04 7.10
N LYS C 25 -3.75 15.85 8.16
CA LYS C 25 -2.61 15.87 9.09
C LYS C 25 -2.90 14.98 10.32
N GLN C 26 -4.19 14.63 10.51
CA GLN C 26 -4.63 13.78 11.63
C GLN C 26 -4.12 12.35 11.40
N ARG C 27 -3.78 11.61 12.45
CA ARG C 27 -3.27 10.25 12.20
C ARG C 27 -4.38 9.20 12.07
N HIS C 28 -5.52 9.42 12.72
CA HIS C 28 -6.57 8.40 12.73
C HIS C 28 -7.72 8.65 11.75
N ASP C 29 -8.13 7.56 11.11
CA ASP C 29 -9.31 7.54 10.22
C ASP C 29 -10.51 7.79 11.13
N GLY C 30 -11.46 8.54 10.62
CA GLY C 30 -12.62 8.86 11.44
C GLY C 30 -12.52 10.25 12.06
N ALA C 31 -11.31 10.83 12.13
CA ALA C 31 -11.13 12.19 12.67
C ALA C 31 -12.01 13.11 11.81
N PHE C 32 -12.87 13.91 12.44
CA PHE C 32 -13.82 14.66 11.61
C PHE C 32 -14.13 16.07 12.14
N LEU C 33 -14.94 16.74 11.34
CA LEU C 33 -15.47 18.05 11.73
C LEU C 33 -16.80 18.25 10.99
N ILE C 34 -17.58 19.19 11.51
CA ILE C 34 -18.83 19.65 10.88
C ILE C 34 -18.55 21.12 10.53
N ARG C 35 -18.80 21.51 9.29
CA ARG C 35 -18.57 22.89 8.86
C ARG C 35 -19.84 23.41 8.18
N GLU C 36 -19.99 24.73 8.20
CA GLU C 36 -21.08 25.40 7.50
C GLU C 36 -20.63 25.43 6.04
N SER C 37 -21.42 24.85 5.14
CA SER C 37 -21.08 24.72 3.71
C SER C 37 -20.98 26.07 3.02
N GLU C 38 -20.06 26.16 2.05
CA GLU C 38 -19.93 27.38 1.25
C GLU C 38 -20.74 27.23 -0.04
N SER C 39 -20.73 26.01 -0.61
CA SER C 39 -21.43 25.72 -1.88
C SER C 39 -22.95 25.70 -1.65
N ALA C 40 -23.36 25.33 -0.45
CA ALA C 40 -24.80 25.28 -0.11
C ALA C 40 -25.01 26.09 1.18
N PRO C 41 -25.14 27.45 1.05
CA PRO C 41 -25.35 28.32 2.21
C PRO C 41 -26.49 27.84 3.10
N GLY C 42 -26.29 27.83 4.41
CA GLY C 42 -27.32 27.39 5.35
C GLY C 42 -27.31 25.90 5.64
N ASP C 43 -26.52 25.14 4.88
CA ASP C 43 -26.44 23.69 5.13
C ASP C 43 -25.10 23.34 5.77
N PHE C 44 -25.03 22.13 6.33
CA PHE C 44 -23.83 21.63 7.00
C PHE C 44 -23.22 20.46 6.23
N SER C 45 -21.90 20.38 6.32
CA SER C 45 -21.15 19.29 5.69
C SER C 45 -20.27 18.66 6.77
N LEU C 46 -20.14 17.33 6.69
CA LEU C 46 -19.33 16.54 7.63
C LEU C 46 -18.11 16.06 6.84
N SER C 47 -16.91 16.39 7.31
CA SER C 47 -15.67 16.01 6.62
C SER C 47 -14.95 14.99 7.50
N VAL C 48 -14.35 13.96 6.93
CA VAL C 48 -13.79 12.90 7.76
C VAL C 48 -12.52 12.36 7.09
N LYS C 49 -11.43 12.22 7.88
CA LYS C 49 -10.19 11.65 7.34
C LYS C 49 -10.42 10.17 7.06
N PHE C 50 -9.89 9.72 5.92
CA PHE C 50 -10.00 8.31 5.48
C PHE C 50 -8.79 7.96 4.62
N GLY C 51 -7.76 7.39 5.24
CA GLY C 51 -6.54 7.03 4.52
C GLY C 51 -5.87 8.31 4.05
N ASN C 52 -5.34 8.32 2.82
CA ASN C 52 -4.69 9.51 2.26
C ASN C 52 -5.72 10.43 1.60
N ASP C 53 -6.99 10.27 1.96
CA ASP C 53 -8.04 11.15 1.43
C ASP C 53 -8.96 11.60 2.58
N VAL C 54 -9.82 12.57 2.26
CA VAL C 54 -10.82 13.14 3.17
C VAL C 54 -12.17 13.06 2.46
N GLN C 55 -13.11 12.36 3.07
CA GLN C 55 -14.45 12.19 2.47
C GLN C 55 -15.41 13.21 3.08
N HIS C 56 -16.37 13.67 2.26
CA HIS C 56 -17.33 14.68 2.72
C HIS C 56 -18.75 14.12 2.60
N PHE C 57 -19.58 14.45 3.58
CA PHE C 57 -20.98 14.01 3.67
C PHE C 57 -21.86 15.24 3.76
N LYS C 58 -22.89 15.34 2.91
CA LYS C 58 -23.81 16.48 3.02
C LYS C 58 -24.87 16.16 4.07
N VAL C 59 -24.99 17.04 5.08
CA VAL C 59 -26.02 16.85 6.12
C VAL C 59 -27.34 17.35 5.52
N LEU C 60 -28.22 16.40 5.23
CA LEU C 60 -29.52 16.72 4.61
C LEU C 60 -30.54 17.12 5.68
N ARG C 61 -31.56 17.87 5.27
CA ARG C 61 -32.64 18.32 6.17
C ARG C 61 -34.00 17.95 5.56
N ASP C 62 -34.96 17.60 6.41
CA ASP C 62 -36.31 17.29 5.90
C ASP C 62 -37.21 18.46 6.28
N GLY C 63 -38.50 18.38 5.93
CA GLY C 63 -39.47 19.43 6.26
C GLY C 63 -39.73 19.67 7.75
N ALA C 64 -39.31 18.75 8.62
CA ALA C 64 -39.50 18.92 10.07
C ALA C 64 -38.22 19.48 10.72
N GLY C 65 -37.21 19.73 9.90
CA GLY C 65 -35.94 20.25 10.42
C GLY C 65 -34.96 19.21 10.94
N LYS C 66 -35.25 17.91 10.76
CA LYS C 66 -34.34 16.85 11.23
C LYS C 66 -33.10 16.80 10.34
N TYR C 67 -32.01 16.27 10.92
CA TYR C 67 -30.75 16.12 10.17
C TYR C 67 -30.56 14.64 9.87
N PHE C 68 -29.97 14.35 8.70
CA PHE C 68 -29.69 12.95 8.33
C PHE C 68 -28.67 12.88 7.20
N LEU C 69 -28.03 11.72 7.09
CA LEU C 69 -27.05 11.45 6.03
C LEU C 69 -27.62 10.39 5.09
N TRP C 70 -28.28 9.39 5.69
CA TRP C 70 -28.79 8.24 4.92
C TRP C 70 -30.28 8.03 5.16
N VAL C 71 -30.65 7.14 6.10
CA VAL C 71 -32.07 6.86 6.37
C VAL C 71 -32.49 7.37 7.76
N VAL C 72 -31.75 6.98 8.81
CA VAL C 72 -32.05 7.37 10.19
C VAL C 72 -31.96 8.89 10.32
N LYS C 73 -32.96 9.48 10.98
CA LYS C 73 -33.03 10.94 11.16
C LYS C 73 -32.69 11.32 12.60
N PHE C 74 -32.09 12.50 12.76
CA PHE C 74 -31.69 12.96 14.09
C PHE C 74 -32.25 14.35 14.37
N ASN C 75 -32.44 14.65 15.66
CA ASN C 75 -33.00 15.94 16.09
C ASN C 75 -31.90 17.00 16.28
N SER C 76 -30.65 16.61 16.11
CA SER C 76 -29.52 17.51 16.30
C SER C 76 -28.28 16.98 15.58
N LEU C 77 -27.34 17.89 15.34
CA LEU C 77 -26.05 17.51 14.77
C LEU C 77 -25.31 16.69 15.82
N ASN C 78 -25.51 17.06 17.10
CA ASN C 78 -24.89 16.40 18.25
C ASN C 78 -25.27 14.90 18.27
N GLU C 79 -26.54 14.62 18.01
CA GLU C 79 -27.05 13.23 17.98
C GLU C 79 -26.54 12.51 16.73
N LEU C 80 -26.54 13.18 15.58
CA LEU C 80 -26.03 12.58 14.34
C LEU C 80 -24.58 12.14 14.56
N VAL C 81 -23.79 13.04 15.12
CA VAL C 81 -22.37 12.77 15.38
C VAL C 81 -22.16 11.63 16.38
N ASP C 82 -22.84 11.69 17.51
CA ASP C 82 -22.62 10.67 18.54
C ASP C 82 -23.04 9.27 18.09
N TYR C 83 -24.05 9.20 17.21
CA TYR C 83 -24.55 7.91 16.71
C TYR C 83 -23.47 7.30 15.80
N HIS C 84 -22.88 8.16 14.98
CA HIS C 84 -21.84 7.74 14.02
C HIS C 84 -20.47 7.48 14.66
N ARG C 85 -20.41 7.47 15.99
CA ARG C 85 -19.18 7.10 16.68
C ARG C 85 -19.16 5.57 16.84
N SER C 86 -20.37 4.99 16.81
CA SER C 86 -20.57 3.55 17.04
C SER C 86 -21.07 2.81 15.80
N THR C 87 -21.66 3.57 14.89
CA THR C 87 -22.15 3.01 13.62
C THR C 87 -21.46 3.78 12.50
N SER C 88 -21.06 3.09 11.42
CA SER C 88 -20.33 3.75 10.33
C SER C 88 -21.12 4.94 9.76
N VAL C 89 -20.38 6.02 9.53
CA VAL C 89 -20.90 7.28 8.97
C VAL C 89 -21.17 7.08 7.48
N SER C 90 -20.61 6.00 6.94
CA SER C 90 -20.78 5.67 5.52
C SER C 90 -21.48 4.32 5.35
N ARG C 91 -22.28 4.22 4.29
CA ARG C 91 -22.92 2.94 3.94
C ARG C 91 -22.00 2.21 2.96
N ASN C 92 -20.93 2.88 2.51
CA ASN C 92 -20.03 2.28 1.52
C ASN C 92 -18.82 1.60 2.18
N GLN C 93 -18.19 2.28 3.13
CA GLN C 93 -17.04 1.71 3.87
C GLN C 93 -17.29 1.90 5.36
N GLN C 94 -16.55 1.15 6.19
CA GLN C 94 -16.66 1.23 7.65
C GLN C 94 -15.74 2.34 8.18
N ILE C 95 -16.36 3.45 8.60
CA ILE C 95 -15.64 4.63 9.13
C ILE C 95 -16.41 5.13 10.35
N PHE C 96 -15.78 5.01 11.51
CA PHE C 96 -16.38 5.43 12.80
C PHE C 96 -15.79 6.79 13.19
N LEU C 97 -16.67 7.73 13.56
CA LEU C 97 -16.25 9.09 13.94
C LEU C 97 -15.51 9.11 15.27
N ARG C 98 -14.41 9.86 15.28
CA ARG C 98 -13.60 10.04 16.49
C ARG C 98 -13.05 11.47 16.51
N ASP C 99 -12.97 12.02 17.71
CA ASP C 99 -12.56 13.42 17.90
C ASP C 99 -11.17 13.70 17.32
N ILE C 100 -11.08 14.85 16.66
CA ILE C 100 -9.81 15.36 16.14
C ILE C 100 -8.82 15.48 17.32
N GLU C 101 -7.56 15.14 17.09
CA GLU C 101 -6.54 15.28 18.13
C GLU C 101 -5.82 16.60 17.92
N GLN C 102 -5.43 17.32 18.99
CA GLN C 102 -4.71 18.59 18.84
C GLN C 102 -3.31 18.33 18.28
N VAL C 103 -3.09 18.79 17.05
CA VAL C 103 -1.81 18.67 16.32
C VAL C 103 -1.01 19.93 16.68
N PRO C 104 -0.10 19.82 17.68
CA PRO C 104 0.76 20.89 18.23
C PRO C 104 1.59 21.79 17.31
N GLN C 105 2.54 21.17 16.61
CA GLN C 105 3.44 21.91 15.70
C GLN C 105 2.91 21.83 14.27
N GLN C 106 1.62 21.53 14.09
CA GLN C 106 1.05 21.47 12.74
C GLN C 106 -0.30 22.20 12.65
N PRO C 107 -0.31 23.55 12.88
CA PRO C 107 -1.59 24.30 12.80
C PRO C 107 -2.02 24.57 11.36
N THR C 108 -3.30 24.80 11.15
CA THR C 108 -3.79 25.08 9.80
C THR C 108 -4.48 26.45 9.84
N TYR C 109 -4.27 27.25 8.80
CA TYR C 109 -4.80 28.63 8.80
C TYR C 109 -5.81 28.88 7.69
N VAL C 110 -6.79 29.71 8.05
CA VAL C 110 -7.83 30.21 7.14
C VAL C 110 -7.59 31.72 7.02
N GLN C 111 -8.19 32.35 6.02
CA GLN C 111 -8.01 33.79 5.81
C GLN C 111 -9.09 34.59 6.55
N ALA C 112 -8.82 35.89 6.73
CA ALA C 112 -9.76 36.81 7.39
C ALA C 112 -10.78 37.29 6.36
N GLU D 3 -1.07 -25.19 -13.90
CA GLU D 3 0.10 -24.44 -14.45
C GLU D 3 0.17 -23.00 -13.91
N MET D 4 1.31 -22.67 -13.30
CA MET D 4 1.54 -21.32 -12.76
C MET D 4 1.76 -20.37 -13.93
N LYS D 5 0.82 -19.43 -14.10
CA LYS D 5 0.85 -18.46 -15.20
C LYS D 5 0.61 -17.04 -14.66
N PRO D 6 1.15 -16.01 -15.35
CA PRO D 6 0.91 -14.64 -14.88
C PRO D 6 -0.56 -14.29 -15.14
N HIS D 7 -1.11 -13.38 -14.36
CA HIS D 7 -2.52 -13.00 -14.49
C HIS D 7 -2.75 -12.06 -15.69
N PRO D 8 -3.72 -12.43 -16.57
CA PRO D 8 -3.98 -11.58 -17.75
C PRO D 8 -4.75 -10.29 -17.46
N TRP D 9 -5.08 -10.06 -16.19
CA TRP D 9 -5.84 -8.88 -15.78
C TRP D 9 -4.95 -7.74 -15.26
N PHE D 10 -3.65 -7.97 -15.08
CA PHE D 10 -2.78 -6.90 -14.57
C PHE D 10 -2.15 -6.13 -15.73
N PHE D 11 -2.48 -4.83 -15.84
CA PHE D 11 -1.99 -4.04 -16.97
C PHE D 11 -0.99 -2.96 -16.55
N GLY D 12 -0.69 -2.87 -15.26
CA GLY D 12 0.26 -1.86 -14.79
C GLY D 12 -0.22 -0.41 -14.95
N LYS D 13 0.70 0.48 -15.30
CA LYS D 13 0.35 1.90 -15.42
C LYS D 13 -0.11 2.22 -16.84
N ILE D 14 -1.43 2.25 -16.98
CA ILE D 14 -2.09 2.62 -18.25
C ILE D 14 -3.11 3.71 -17.93
N PRO D 15 -3.33 4.68 -18.87
CA PRO D 15 -4.32 5.74 -18.61
C PRO D 15 -5.73 5.17 -18.43
N ARG D 16 -6.51 5.79 -17.54
CA ARG D 16 -7.91 5.42 -17.30
C ARG D 16 -8.67 5.37 -18.63
N ALA D 17 -8.39 6.32 -19.52
CA ALA D 17 -9.06 6.43 -20.83
C ALA D 17 -8.75 5.23 -21.73
N LYS D 18 -7.51 4.72 -21.63
CA LYS D 18 -7.05 3.58 -22.43
C LYS D 18 -7.70 2.30 -21.90
N ALA D 19 -7.92 2.25 -20.58
CA ALA D 19 -8.64 1.13 -19.96
C ALA D 19 -10.06 1.10 -20.51
N GLU D 20 -10.69 2.27 -20.60
CA GLU D 20 -12.05 2.41 -21.13
C GLU D 20 -12.10 2.05 -22.62
N GLU D 21 -11.12 2.50 -23.40
CA GLU D 21 -11.05 2.22 -24.85
C GLU D 21 -10.97 0.71 -25.10
N MET D 22 -10.16 0.04 -24.30
CA MET D 22 -9.95 -1.41 -24.46
C MET D 22 -11.18 -2.17 -24.00
N LEU D 23 -11.66 -1.85 -22.80
CA LEU D 23 -12.81 -2.56 -22.22
C LEU D 23 -14.11 -2.28 -22.98
N SER D 24 -14.23 -1.16 -23.68
CA SER D 24 -15.49 -0.88 -24.41
C SER D 24 -15.63 -1.79 -25.63
N LYS D 25 -14.52 -2.39 -26.08
CA LYS D 25 -14.49 -3.28 -27.26
C LYS D 25 -14.83 -4.72 -26.87
N GLN D 26 -14.87 -5.01 -25.58
CA GLN D 26 -15.20 -6.34 -25.05
C GLN D 26 -16.70 -6.61 -25.24
N ARG D 27 -17.11 -7.89 -25.28
CA ARG D 27 -18.53 -8.19 -25.52
C ARG D 27 -19.31 -8.46 -24.24
N HIS D 28 -18.65 -8.88 -23.17
CA HIS D 28 -19.38 -9.24 -21.94
C HIS D 28 -19.21 -8.21 -20.82
N ASP D 29 -20.32 -8.00 -20.09
CA ASP D 29 -20.35 -7.13 -18.91
C ASP D 29 -19.54 -7.86 -17.82
N GLY D 30 -18.66 -7.12 -17.15
CA GLY D 30 -17.85 -7.75 -16.14
C GLY D 30 -16.41 -7.96 -16.55
N ALA D 31 -16.16 -7.85 -17.86
CA ALA D 31 -14.79 -7.93 -18.40
C ALA D 31 -14.03 -6.80 -17.71
N PHE D 32 -12.86 -7.12 -17.15
CA PHE D 32 -12.17 -6.15 -16.28
C PHE D 32 -10.64 -6.20 -16.41
N LEU D 33 -10.05 -5.24 -15.74
CA LEU D 33 -8.58 -5.16 -15.61
C LEU D 33 -8.24 -4.40 -14.34
N ILE D 34 -7.02 -4.65 -13.86
CA ILE D 34 -6.47 -3.91 -12.72
C ILE D 34 -5.35 -3.05 -13.32
N ARG D 35 -5.41 -1.75 -13.06
CA ARG D 35 -4.36 -0.83 -13.51
C ARG D 35 -3.82 -0.06 -12.30
N GLU D 36 -2.60 0.44 -12.45
CA GLU D 36 -1.98 1.27 -11.41
C GLU D 36 -2.38 2.71 -11.72
N SER D 37 -3.11 3.31 -10.78
CA SER D 37 -3.67 4.67 -10.89
C SER D 37 -2.58 5.71 -11.16
N GLU D 38 -2.92 6.65 -12.02
CA GLU D 38 -2.00 7.75 -12.37
C GLU D 38 -2.33 8.96 -11.48
N SER D 39 -3.61 9.14 -11.17
CA SER D 39 -4.06 10.26 -10.33
C SER D 39 -3.64 10.04 -8.88
N ALA D 40 -3.55 8.76 -8.48
CA ALA D 40 -3.14 8.45 -7.10
C ALA D 40 -2.01 7.41 -7.12
N PRO D 41 -0.74 7.86 -7.28
CA PRO D 41 0.42 6.95 -7.31
C PRO D 41 0.43 5.98 -6.13
N GLY D 42 0.66 4.71 -6.43
CA GLY D 42 0.69 3.69 -5.39
C GLY D 42 -0.66 3.04 -5.17
N ASP D 43 -1.69 3.61 -5.80
CA ASP D 43 -3.06 3.08 -5.70
C ASP D 43 -3.39 2.25 -6.95
N PHE D 44 -4.30 1.31 -6.75
CA PHE D 44 -4.78 0.44 -7.84
C PHE D 44 -6.23 0.79 -8.13
N SER D 45 -6.59 0.67 -9.40
CA SER D 45 -7.96 0.92 -9.86
C SER D 45 -8.45 -0.30 -10.64
N LEU D 46 -9.71 -0.65 -10.40
CA LEU D 46 -10.32 -1.79 -11.10
C LEU D 46 -11.33 -1.23 -12.11
N SER D 47 -11.07 -1.44 -13.39
CA SER D 47 -11.95 -0.94 -14.47
C SER D 47 -12.79 -2.12 -14.97
N VAL D 48 -14.09 -1.91 -15.15
CA VAL D 48 -15.00 -3.02 -15.50
C VAL D 48 -16.01 -2.58 -16.57
N LYS D 49 -16.22 -3.43 -17.58
CA LYS D 49 -17.20 -3.14 -18.63
C LYS D 49 -18.62 -3.32 -18.09
N PHE D 50 -19.48 -2.35 -18.38
CA PHE D 50 -20.88 -2.41 -17.96
C PHE D 50 -21.75 -1.69 -18.99
N GLY D 51 -22.31 -2.46 -19.94
CA GLY D 51 -23.10 -1.90 -21.03
C GLY D 51 -22.28 -0.98 -21.91
N ASN D 52 -22.84 0.20 -22.23
CA ASN D 52 -22.16 1.19 -23.09
C ASN D 52 -21.16 2.04 -22.29
N ASP D 53 -20.89 1.67 -21.05
CA ASP D 53 -19.94 2.44 -20.24
C ASP D 53 -18.95 1.49 -19.57
N VAL D 54 -17.98 2.09 -18.86
CA VAL D 54 -16.96 1.38 -18.10
C VAL D 54 -16.92 1.96 -16.69
N GLN D 55 -17.13 1.11 -15.69
CA GLN D 55 -17.10 1.55 -14.29
C GLN D 55 -15.72 1.31 -13.67
N HIS D 56 -15.32 2.23 -12.80
CA HIS D 56 -14.01 2.18 -12.13
C HIS D 56 -14.21 2.12 -10.61
N PHE D 57 -13.44 1.24 -9.98
CA PHE D 57 -13.49 1.09 -8.52
C PHE D 57 -12.10 1.38 -7.94
N LYS D 58 -12.03 2.24 -6.94
CA LYS D 58 -10.72 2.51 -6.33
C LYS D 58 -10.45 1.45 -5.26
N VAL D 59 -9.32 0.78 -5.41
CA VAL D 59 -8.94 -0.23 -4.41
C VAL D 59 -8.36 0.51 -3.21
N LEU D 60 -8.98 0.28 -2.06
CA LEU D 60 -8.59 0.91 -0.80
C LEU D 60 -7.67 -0.04 -0.01
N ARG D 61 -6.83 0.54 0.86
CA ARG D 61 -5.90 -0.21 1.70
C ARG D 61 -6.11 0.26 3.13
N ASP D 62 -6.21 -0.67 4.09
CA ASP D 62 -6.39 -0.23 5.49
C ASP D 62 -5.01 -0.06 6.14
N GLY D 63 -4.98 0.21 7.46
CA GLY D 63 -3.73 0.40 8.19
C GLY D 63 -2.84 -0.83 8.20
N ALA D 64 -3.46 -2.00 8.26
CA ALA D 64 -2.76 -3.29 8.27
C ALA D 64 -2.37 -3.72 6.86
N GLY D 65 -2.70 -2.88 5.88
CA GLY D 65 -2.35 -3.14 4.50
C GLY D 65 -3.30 -3.99 3.65
N LYS D 66 -4.42 -4.44 4.22
CA LYS D 66 -5.38 -5.28 3.49
C LYS D 66 -6.14 -4.44 2.47
N TYR D 67 -6.45 -5.05 1.33
CA TYR D 67 -7.15 -4.36 0.22
C TYR D 67 -8.66 -4.55 0.36
N PHE D 68 -9.40 -3.54 -0.11
CA PHE D 68 -10.87 -3.61 -0.08
C PHE D 68 -11.48 -2.56 -1.01
N LEU D 69 -12.75 -2.80 -1.28
CA LEU D 69 -13.58 -1.92 -2.13
C LEU D 69 -14.71 -1.33 -1.29
N TRP D 70 -15.31 -2.16 -0.43
CA TRP D 70 -16.45 -1.76 0.41
C TRP D 70 -16.17 -2.09 1.88
N VAL D 71 -16.56 -3.28 2.36
CA VAL D 71 -16.33 -3.66 3.77
C VAL D 71 -15.42 -4.88 3.91
N VAL D 72 -15.63 -5.94 3.09
CA VAL D 72 -14.82 -7.17 3.12
C VAL D 72 -13.36 -6.86 2.78
N LYS D 73 -12.45 -7.29 3.66
CA LYS D 73 -10.99 -7.10 3.53
C LYS D 73 -10.36 -8.32 2.86
N PHE D 74 -9.31 -8.10 2.05
CA PHE D 74 -8.58 -9.16 1.33
C PHE D 74 -7.07 -9.04 1.57
N ASN D 75 -6.39 -10.20 1.52
CA ASN D 75 -4.94 -10.30 1.77
C ASN D 75 -4.12 -10.05 0.52
N SER D 76 -4.77 -9.88 -0.63
CA SER D 76 -4.08 -9.60 -1.89
C SER D 76 -5.08 -9.13 -2.94
N LEU D 77 -4.55 -8.54 -4.01
CA LEU D 77 -5.38 -8.12 -5.15
C LEU D 77 -5.95 -9.37 -5.80
N ASN D 78 -5.13 -10.42 -5.87
CA ASN D 78 -5.50 -11.73 -6.46
C ASN D 78 -6.79 -12.24 -5.82
N GLU D 79 -6.87 -12.17 -4.49
CA GLU D 79 -8.03 -12.67 -3.75
C GLU D 79 -9.23 -11.73 -3.90
N LEU D 80 -8.98 -10.42 -3.97
CA LEU D 80 -10.09 -9.46 -4.19
C LEU D 80 -10.73 -9.74 -5.54
N VAL D 81 -9.88 -9.86 -6.56
CA VAL D 81 -10.30 -10.15 -7.94
C VAL D 81 -11.10 -11.45 -8.01
N ASP D 82 -10.54 -12.51 -7.42
CA ASP D 82 -11.16 -13.85 -7.44
C ASP D 82 -12.51 -13.86 -6.70
N TYR D 83 -12.59 -13.20 -5.56
CA TYR D 83 -13.84 -13.14 -4.80
C TYR D 83 -14.97 -12.50 -5.63
N HIS D 84 -14.63 -11.45 -6.37
CA HIS D 84 -15.63 -10.70 -7.15
C HIS D 84 -16.02 -11.36 -8.48
N ARG D 85 -15.49 -12.56 -8.72
CA ARG D 85 -15.90 -13.34 -9.90
C ARG D 85 -17.24 -14.01 -9.57
N SER D 86 -17.54 -14.15 -8.27
CA SER D 86 -18.76 -14.86 -7.84
C SER D 86 -19.64 -14.02 -6.89
N THR D 87 -19.14 -12.83 -6.47
CA THR D 87 -19.91 -11.90 -5.64
C THR D 87 -19.81 -10.54 -6.33
N SER D 88 -20.93 -9.81 -6.39
CA SER D 88 -20.95 -8.53 -7.10
C SER D 88 -19.81 -7.61 -6.66
N VAL D 89 -19.11 -7.06 -7.64
CA VAL D 89 -18.02 -6.10 -7.38
C VAL D 89 -18.62 -4.76 -6.98
N SER D 90 -19.94 -4.64 -7.13
CA SER D 90 -20.66 -3.39 -6.83
C SER D 90 -21.85 -3.63 -5.90
N ARG D 91 -22.06 -2.66 -5.01
CA ARG D 91 -23.22 -2.64 -4.10
C ARG D 91 -24.43 -2.03 -4.80
N ASN D 92 -24.22 -1.44 -5.98
CA ASN D 92 -25.28 -0.75 -6.74
C ASN D 92 -26.01 -1.64 -7.73
N GLN D 93 -25.26 -2.36 -8.58
CA GLN D 93 -25.82 -3.27 -9.60
C GLN D 93 -25.03 -4.59 -9.53
N GLN D 94 -25.63 -5.69 -10.01
CA GLN D 94 -24.98 -7.00 -10.01
C GLN D 94 -23.99 -7.09 -11.18
N ILE D 95 -22.70 -7.03 -10.86
CA ILE D 95 -21.65 -7.11 -11.88
C ILE D 95 -20.60 -8.12 -11.39
N PHE D 96 -20.39 -9.17 -12.19
CA PHE D 96 -19.44 -10.22 -11.81
C PHE D 96 -18.22 -10.12 -12.72
N LEU D 97 -17.05 -10.16 -12.11
CA LEU D 97 -15.81 -10.07 -12.89
C LEU D 97 -15.58 -11.35 -13.71
N ARG D 98 -15.24 -11.14 -14.97
CA ARG D 98 -14.90 -12.23 -15.90
C ARG D 98 -13.72 -11.79 -16.75
N ASP D 99 -12.87 -12.73 -17.12
CA ASP D 99 -11.64 -12.45 -17.87
C ASP D 99 -11.88 -11.80 -19.23
N ILE D 100 -10.95 -10.90 -19.58
CA ILE D 100 -10.91 -10.20 -20.88
C ILE D 100 -10.69 -11.23 -22.00
N GLU D 101 -11.40 -11.06 -23.12
CA GLU D 101 -11.27 -11.94 -24.30
C GLU D 101 -10.38 -11.25 -25.33
N GLN D 102 -9.87 -12.04 -26.29
CA GLN D 102 -8.96 -11.56 -27.34
C GLN D 102 -9.67 -10.75 -28.44
N VAL D 103 -8.84 -9.85 -29.02
CA VAL D 103 -9.03 -8.88 -30.11
C VAL D 103 -10.46 -8.76 -30.63
N MET E 1 4.49 -3.26 37.12
CA MET E 1 3.57 -4.07 36.28
C MET E 1 4.37 -4.32 35.01
N ILE E 2 5.29 -3.37 35.07
CA ILE E 2 6.45 -2.78 34.38
C ILE E 2 6.22 -2.10 33.04
N GLU E 3 5.79 -0.86 33.22
CA GLU E 3 5.57 0.06 32.10
C GLU E 3 6.96 0.40 31.53
N MET E 4 7.09 0.19 30.22
CA MET E 4 8.33 0.41 29.47
C MET E 4 8.56 1.92 29.33
N LYS E 5 9.55 2.38 30.08
CA LYS E 5 9.89 3.81 30.11
C LYS E 5 11.41 3.95 29.98
N PRO E 6 11.90 5.05 29.34
CA PRO E 6 13.38 5.17 29.25
C PRO E 6 13.90 5.34 30.68
N HIS E 7 15.14 4.94 30.92
CA HIS E 7 15.72 5.06 32.26
C HIS E 7 15.98 6.53 32.58
N PRO E 8 15.35 7.04 33.67
CA PRO E 8 15.46 8.43 34.13
C PRO E 8 16.85 8.88 34.57
N TRP E 9 17.77 7.92 34.77
CA TRP E 9 19.13 8.24 35.22
C TRP E 9 20.14 8.42 34.08
N PHE E 10 19.76 8.18 32.82
CA PHE E 10 20.73 8.29 31.73
C PHE E 10 20.70 9.69 31.12
N PHE E 11 21.86 10.35 31.14
CA PHE E 11 21.98 11.72 30.63
C PHE E 11 22.92 11.79 29.43
N GLY E 12 23.40 10.63 28.95
CA GLY E 12 24.26 10.64 27.77
C GLY E 12 25.63 11.26 28.01
N LYS E 13 26.14 11.99 27.02
CA LYS E 13 27.48 12.56 27.08
C LYS E 13 27.50 13.97 27.70
N ILE E 14 27.11 14.08 28.96
CA ILE E 14 27.21 15.40 29.63
C ILE E 14 28.58 15.44 30.30
N PRO E 15 29.30 16.58 30.24
CA PRO E 15 30.63 16.64 30.89
C PRO E 15 30.66 16.26 32.37
N ARG E 16 31.80 15.74 32.83
CA ARG E 16 31.99 15.39 34.24
C ARG E 16 31.70 16.60 35.11
N ALA E 17 32.18 17.76 34.65
CA ALA E 17 32.00 19.05 35.35
C ALA E 17 30.52 19.41 35.43
N LYS E 18 29.79 19.22 34.33
CA LYS E 18 28.35 19.54 34.26
C LYS E 18 27.55 18.63 35.18
N ALA E 19 27.99 17.37 35.29
CA ALA E 19 27.37 16.40 36.19
C ALA E 19 27.57 16.84 37.64
N GLU E 20 28.75 17.37 37.94
CA GLU E 20 29.04 17.83 39.30
C GLU E 20 28.19 19.04 39.66
N GLU E 21 28.05 19.97 38.72
CA GLU E 21 27.26 21.20 38.89
C GLU E 21 25.81 20.81 39.22
N MET E 22 25.26 19.91 38.42
CA MET E 22 23.89 19.43 38.60
C MET E 22 23.72 18.73 39.94
N LEU E 23 24.59 17.77 40.23
CA LEU E 23 24.46 16.99 41.47
C LEU E 23 24.72 17.78 42.75
N SER E 24 25.55 18.83 42.69
CA SER E 24 25.84 19.65 43.88
C SER E 24 24.59 20.42 44.33
N LYS E 25 23.64 20.61 43.42
CA LYS E 25 22.38 21.34 43.70
C LYS E 25 21.33 20.41 44.32
N GLN E 26 21.54 19.09 44.25
CA GLN E 26 20.58 18.15 44.84
C GLN E 26 20.65 18.18 46.37
N ARG E 27 19.53 17.87 47.02
CA ARG E 27 19.44 17.93 48.49
C ARG E 27 19.98 16.67 49.17
N HIS E 28 19.80 15.49 48.56
CA HIS E 28 20.18 14.25 49.26
C HIS E 28 21.43 13.55 48.71
N ASP E 29 22.21 13.03 49.65
CA ASP E 29 23.39 12.21 49.33
C ASP E 29 22.90 10.97 48.60
N GLY E 30 23.61 10.55 47.56
CA GLY E 30 23.17 9.40 46.82
C GLY E 30 22.50 9.78 45.51
N ALA E 31 22.05 11.04 45.38
CA ALA E 31 21.45 11.49 44.11
C ALA E 31 22.48 11.21 43.02
N PHE E 32 22.04 10.56 41.94
CA PHE E 32 23.01 10.13 40.92
C PHE E 32 22.47 10.24 39.49
N LEU E 33 23.42 9.94 38.60
CA LEU E 33 23.15 9.85 37.16
C LEU E 33 24.24 8.98 36.53
N ILE E 34 23.95 8.54 35.32
CA ILE E 34 24.95 7.82 34.53
C ILE E 34 25.16 8.59 33.22
N ARG E 35 26.42 8.83 32.92
CA ARG E 35 26.79 9.60 31.72
C ARG E 35 27.83 8.81 30.92
N GLU E 36 28.00 9.21 29.68
CA GLU E 36 29.03 8.62 28.81
C GLU E 36 30.27 9.49 29.00
N SER E 37 31.37 8.88 29.42
CA SER E 37 32.61 9.61 29.70
C SER E 37 33.15 10.30 28.43
N GLU E 38 33.69 11.50 28.62
CA GLU E 38 34.33 12.23 27.52
C GLU E 38 35.81 11.85 27.46
N SER E 39 36.46 11.79 28.63
CA SER E 39 37.90 11.51 28.75
C SER E 39 38.24 10.07 28.36
N ALA E 40 37.31 9.15 28.64
CA ALA E 40 37.47 7.72 28.33
C ALA E 40 36.32 7.27 27.41
N PRO E 41 36.43 7.57 26.09
CA PRO E 41 35.39 7.21 25.11
C PRO E 41 35.03 5.72 25.17
N GLY E 42 33.74 5.44 25.30
CA GLY E 42 33.30 4.05 25.35
C GLY E 42 32.98 3.55 26.74
N ASP E 43 33.36 4.33 27.75
CA ASP E 43 33.06 3.97 29.14
C ASP E 43 31.92 4.83 29.66
N PHE E 44 31.05 4.20 30.46
CA PHE E 44 30.00 4.95 31.16
C PHE E 44 30.58 5.31 32.53
N SER E 45 30.10 6.41 33.12
CA SER E 45 30.52 6.81 34.47
C SER E 45 29.27 7.12 35.29
N LEU E 46 29.31 6.66 36.53
CA LEU E 46 28.22 6.89 37.49
C LEU E 46 28.68 8.02 38.42
N SER E 47 27.91 9.12 38.44
CA SER E 47 28.25 10.29 39.26
C SER E 47 27.25 10.37 40.41
N VAL E 48 27.75 10.66 41.61
CA VAL E 48 26.92 10.61 42.81
C VAL E 48 27.24 11.76 43.77
N LYS E 49 26.17 12.38 44.29
CA LYS E 49 26.30 13.45 45.29
C LYS E 49 26.66 12.82 46.64
N PHE E 50 27.64 13.43 47.30
CA PHE E 50 28.12 12.98 48.62
C PHE E 50 28.61 14.21 49.39
N GLY E 51 27.72 14.76 50.24
CA GLY E 51 28.03 15.93 51.06
C GLY E 51 28.33 17.11 50.14
N ASN E 52 29.48 17.77 50.34
CA ASN E 52 29.80 18.92 49.49
C ASN E 52 30.72 18.56 48.32
N ASP E 53 30.66 17.29 47.90
CA ASP E 53 31.43 16.82 46.75
C ASP E 53 30.57 15.87 45.92
N VAL E 54 31.14 15.45 44.79
CA VAL E 54 30.49 14.50 43.87
C VAL E 54 31.54 13.43 43.55
N GLN E 55 31.19 12.18 43.81
CA GLN E 55 32.10 11.06 43.54
C GLN E 55 31.70 10.40 42.22
N HIS E 56 32.71 9.93 41.46
CA HIS E 56 32.48 9.31 40.15
C HIS E 56 33.04 7.89 40.18
N PHE E 57 32.28 6.97 39.57
CA PHE E 57 32.64 5.55 39.53
C PHE E 57 32.69 5.09 38.07
N LYS E 58 33.73 4.37 37.69
CA LYS E 58 33.80 3.89 36.31
C LYS E 58 32.94 2.63 36.20
N VAL E 59 32.03 2.60 35.23
CA VAL E 59 31.22 1.39 35.02
C VAL E 59 32.05 0.43 34.18
N LEU E 60 32.39 -0.71 34.77
CA LEU E 60 33.22 -1.70 34.08
C LEU E 60 32.36 -2.75 33.38
N ARG E 61 32.92 -3.42 32.38
CA ARG E 61 32.24 -4.47 31.61
C ARG E 61 33.23 -5.62 31.37
N ASP E 62 32.89 -6.83 31.82
CA ASP E 62 33.79 -7.98 31.62
C ASP E 62 33.65 -8.60 30.22
N GLY E 63 34.38 -9.69 30.00
CA GLY E 63 34.39 -10.41 28.73
C GLY E 63 33.09 -11.13 28.43
N ALA E 64 32.29 -11.36 29.48
CA ALA E 64 30.99 -12.03 29.29
C ALA E 64 29.90 -10.97 29.10
N GLY E 65 30.31 -9.71 29.03
CA GLY E 65 29.35 -8.64 28.86
C GLY E 65 28.58 -8.21 30.10
N LYS E 66 29.01 -8.57 31.32
CA LYS E 66 28.32 -8.17 32.56
C LYS E 66 28.88 -6.83 33.08
N TYR E 67 28.03 -6.02 33.69
CA TYR E 67 28.43 -4.69 34.18
C TYR E 67 28.77 -4.76 35.67
N PHE E 68 29.79 -4.00 36.09
CA PHE E 68 30.21 -4.01 37.50
C PHE E 68 31.04 -2.78 37.86
N LEU E 69 31.16 -2.59 39.16
CA LEU E 69 31.98 -1.49 39.71
C LEU E 69 33.06 -2.09 40.62
N TRP E 70 32.71 -3.16 41.33
CA TRP E 70 33.64 -3.76 42.30
C TRP E 70 33.88 -5.25 42.00
N VAL E 71 33.14 -6.14 42.68
CA VAL E 71 33.28 -7.60 42.53
C VAL E 71 32.01 -8.21 41.94
N VAL E 72 30.85 -7.92 42.56
CA VAL E 72 29.54 -8.44 42.12
C VAL E 72 29.26 -7.95 40.70
N LYS E 73 28.91 -8.90 39.81
CA LYS E 73 28.61 -8.64 38.39
C LYS E 73 27.10 -8.57 38.19
N PHE E 74 26.66 -7.77 37.20
CA PHE E 74 25.23 -7.57 36.93
C PHE E 74 24.90 -7.83 35.45
N ASN E 75 23.69 -8.35 35.23
CA ASN E 75 23.20 -8.69 33.89
C ASN E 75 22.65 -7.46 33.16
N SER E 76 22.47 -6.35 33.88
CA SER E 76 21.99 -5.12 33.24
C SER E 76 22.40 -3.90 34.07
N LEU E 77 22.38 -2.75 33.41
CA LEU E 77 22.76 -1.49 34.07
C LEU E 77 21.73 -1.13 35.14
N ASN E 78 20.44 -1.38 34.86
CA ASN E 78 19.39 -1.06 35.84
C ASN E 78 19.47 -1.97 37.07
N GLU E 79 19.99 -3.19 36.91
CA GLU E 79 20.12 -4.11 38.05
C GLU E 79 21.27 -3.63 38.93
N LEU E 80 22.30 -3.10 38.29
CA LEU E 80 23.45 -2.54 39.02
C LEU E 80 22.97 -1.39 39.90
N VAL E 81 22.23 -0.48 39.26
CA VAL E 81 21.67 0.71 39.93
C VAL E 81 20.77 0.30 41.11
N ASP E 82 19.80 -0.56 40.85
CA ASP E 82 18.86 -0.98 41.90
C ASP E 82 19.57 -1.62 43.10
N TYR E 83 20.55 -2.48 42.82
CA TYR E 83 21.31 -3.16 43.87
C TYR E 83 21.93 -2.10 44.79
N HIS E 84 22.54 -1.10 44.15
CA HIS E 84 23.21 -0.03 44.89
C HIS E 84 22.25 0.97 45.56
N ARG E 85 20.95 0.69 45.51
CA ARG E 85 19.98 1.50 46.26
C ARG E 85 19.92 0.95 47.69
N SER E 86 20.33 -0.31 47.87
CA SER E 86 20.24 -0.92 49.21
C SER E 86 21.60 -1.41 49.72
N THR E 87 22.59 -1.44 48.83
CA THR E 87 23.96 -1.76 49.26
C THR E 87 24.81 -0.56 48.81
N SER E 88 25.76 -0.14 49.63
CA SER E 88 26.62 1.01 49.27
C SER E 88 27.29 0.83 47.91
N VAL E 89 27.27 1.94 47.16
CA VAL E 89 27.92 2.04 45.84
C VAL E 89 29.43 2.13 46.02
N SER E 90 29.87 2.34 47.27
CA SER E 90 31.29 2.46 47.59
C SER E 90 31.70 1.46 48.66
N ARG E 91 32.93 0.95 48.55
CA ARG E 91 33.46 0.06 49.59
C ARG E 91 34.16 0.92 50.65
N ASN E 92 34.24 2.24 50.40
CA ASN E 92 34.95 3.15 51.31
C ASN E 92 34.02 3.88 52.27
N GLN E 93 32.94 4.45 51.72
CA GLN E 93 31.91 5.12 52.53
C GLN E 93 30.54 4.52 52.20
N GLN E 94 29.59 4.75 53.11
CA GLN E 94 28.21 4.29 52.99
C GLN E 94 27.39 5.32 52.19
N ILE E 95 27.17 5.02 50.91
CA ILE E 95 26.43 5.89 49.99
C ILE E 95 25.41 5.04 49.22
N PHE E 96 24.12 5.34 49.37
CA PHE E 96 23.06 4.58 48.69
C PHE E 96 22.48 5.43 47.57
N LEU E 97 22.29 4.83 46.40
CA LEU E 97 21.75 5.57 45.24
C LEU E 97 20.27 5.90 45.43
N ARG E 98 19.93 7.14 45.09
CA ARG E 98 18.55 7.65 45.09
C ARG E 98 18.36 8.55 43.88
N ASP E 99 17.14 8.53 43.33
CA ASP E 99 16.83 9.28 42.11
C ASP E 99 16.99 10.79 42.30
N ILE E 100 17.36 11.44 41.20
CA ILE E 100 17.48 12.90 41.13
C ILE E 100 16.08 13.51 41.28
N GLU E 101 15.99 14.57 42.09
CA GLU E 101 14.71 15.27 42.29
C GLU E 101 14.59 16.36 41.22
N GLN E 102 13.41 16.40 40.58
CA GLN E 102 12.99 17.28 39.48
C GLN E 102 13.75 17.02 38.17
N ILE F 2 -5.80 -11.86 -59.42
CA ILE F 2 -6.48 -12.30 -58.17
C ILE F 2 -6.29 -13.81 -58.08
N GLU F 3 -5.80 -14.27 -56.93
CA GLU F 3 -5.62 -15.71 -56.69
C GLU F 3 -7.00 -16.37 -56.70
N MET F 4 -7.13 -17.44 -57.49
CA MET F 4 -8.41 -18.16 -57.58
C MET F 4 -8.64 -18.91 -56.27
N LYS F 5 -9.65 -18.47 -55.55
CA LYS F 5 -10.01 -19.05 -54.25
C LYS F 5 -11.52 -19.21 -54.18
N PRO F 6 -12.02 -20.23 -53.42
CA PRO F 6 -13.48 -20.36 -53.34
C PRO F 6 -14.02 -19.15 -52.57
N HIS F 7 -15.26 -18.78 -52.84
CA HIS F 7 -15.90 -17.64 -52.15
C HIS F 7 -16.12 -17.97 -50.67
N PRO F 8 -15.47 -17.20 -49.76
CA PRO F 8 -15.61 -17.44 -48.31
C PRO F 8 -17.02 -17.14 -47.77
N TRP F 9 -17.87 -16.51 -48.58
CA TRP F 9 -19.22 -16.18 -48.10
C TRP F 9 -20.23 -17.31 -48.38
N PHE F 10 -19.82 -18.35 -49.11
CA PHE F 10 -20.78 -19.41 -49.46
C PHE F 10 -20.79 -20.54 -48.44
N PHE F 11 -21.95 -20.76 -47.83
CA PHE F 11 -22.08 -21.80 -46.80
C PHE F 11 -23.00 -22.95 -47.24
N GLY F 12 -23.47 -22.92 -48.48
CA GLY F 12 -24.35 -24.00 -48.95
C GLY F 12 -25.71 -24.08 -48.30
N LYS F 13 -26.19 -25.29 -48.09
CA LYS F 13 -27.54 -25.49 -47.52
C LYS F 13 -27.52 -25.51 -45.99
N ILE F 14 -27.26 -24.35 -45.37
CA ILE F 14 -27.36 -24.27 -43.91
C ILE F 14 -28.72 -23.66 -43.62
N PRO F 15 -29.45 -24.15 -42.60
CA PRO F 15 -30.78 -23.57 -42.31
C PRO F 15 -30.80 -22.08 -42.01
N ARG F 16 -31.92 -21.42 -42.26
CA ARG F 16 -32.10 -19.99 -41.95
C ARG F 16 -31.80 -19.75 -40.47
N ALA F 17 -32.31 -20.63 -39.59
CA ALA F 17 -32.12 -20.55 -38.13
C ALA F 17 -30.64 -20.63 -37.76
N LYS F 18 -29.90 -21.52 -38.43
CA LYS F 18 -28.47 -21.69 -38.15
C LYS F 18 -27.69 -20.47 -38.64
N ALA F 19 -28.11 -19.87 -39.75
CA ALA F 19 -27.45 -18.66 -40.28
C ALA F 19 -27.65 -17.52 -39.29
N GLU F 20 -28.84 -17.46 -38.69
CA GLU F 20 -29.18 -16.46 -37.67
C GLU F 20 -28.35 -16.66 -36.41
N GLU F 21 -28.21 -17.90 -35.90
CA GLU F 21 -27.42 -18.05 -34.66
C GLU F 21 -25.94 -17.73 -34.90
N MET F 22 -25.42 -18.02 -36.10
CA MET F 22 -24.02 -17.73 -36.42
C MET F 22 -23.82 -16.22 -36.56
N LEU F 23 -24.72 -15.58 -37.30
CA LEU F 23 -24.59 -14.13 -37.55
C LEU F 23 -24.88 -13.28 -36.32
N SER F 24 -25.72 -13.76 -35.40
CA SER F 24 -26.00 -13.00 -34.17
C SER F 24 -24.76 -12.94 -33.28
N LYS F 25 -23.78 -13.81 -33.51
CA LYS F 25 -22.56 -13.85 -32.70
C LYS F 25 -21.50 -12.90 -33.25
N GLN F 26 -21.69 -12.43 -34.48
CA GLN F 26 -20.73 -11.50 -35.09
C GLN F 26 -20.79 -10.13 -34.42
N ARG F 27 -19.66 -9.42 -34.44
CA ARG F 27 -19.59 -8.12 -33.75
C ARG F 27 -20.17 -6.99 -34.60
N HIS F 28 -19.95 -7.03 -35.92
CA HIS F 28 -20.35 -5.92 -36.79
C HIS F 28 -21.61 -6.17 -37.63
N ASP F 29 -22.30 -5.05 -37.83
CA ASP F 29 -23.50 -4.96 -38.67
C ASP F 29 -23.02 -5.15 -40.11
N GLY F 30 -23.77 -5.93 -40.88
CA GLY F 30 -23.34 -6.17 -42.24
C GLY F 30 -22.63 -7.50 -42.44
N ALA F 31 -22.19 -8.15 -41.35
CA ALA F 31 -21.55 -9.47 -41.45
C ALA F 31 -22.57 -10.38 -42.14
N PHE F 32 -22.15 -11.03 -43.22
CA PHE F 32 -23.10 -11.80 -44.04
C PHE F 32 -22.56 -13.16 -44.50
N LEU F 33 -23.49 -13.87 -45.15
CA LEU F 33 -23.20 -15.16 -45.79
C LEU F 33 -24.31 -15.39 -46.81
N ILE F 34 -24.02 -16.23 -47.80
CA ILE F 34 -25.03 -16.66 -48.78
C ILE F 34 -25.22 -18.16 -48.59
N ARG F 35 -26.49 -18.56 -48.47
CA ARG F 35 -26.89 -19.96 -48.25
C ARG F 35 -27.92 -20.37 -49.31
N GLU F 36 -28.08 -21.68 -49.45
CA GLU F 36 -29.09 -22.24 -50.36
C GLU F 36 -30.35 -22.42 -49.51
N SER F 37 -31.46 -21.82 -49.94
CA SER F 37 -32.73 -21.84 -49.19
C SER F 37 -33.27 -23.26 -49.08
N GLU F 38 -33.76 -23.59 -47.87
CA GLU F 38 -34.43 -24.87 -47.59
C GLU F 38 -35.90 -24.76 -47.95
N SER F 39 -36.55 -23.65 -47.55
CA SER F 39 -37.99 -23.43 -47.76
C SER F 39 -38.30 -23.19 -49.24
N ALA F 40 -37.33 -22.62 -49.95
CA ALA F 40 -37.50 -22.32 -51.38
C ALA F 40 -36.37 -22.97 -52.17
N PRO F 41 -36.48 -24.29 -52.44
CA PRO F 41 -35.45 -25.02 -53.18
C PRO F 41 -35.07 -24.37 -54.52
N GLY F 42 -33.78 -24.16 -54.70
CA GLY F 42 -33.30 -23.56 -55.92
C GLY F 42 -33.05 -22.07 -55.86
N ASP F 43 -33.37 -21.47 -54.72
CA ASP F 43 -33.14 -20.03 -54.52
C ASP F 43 -32.00 -19.86 -53.51
N PHE F 44 -31.13 -18.89 -53.78
CA PHE F 44 -30.08 -18.54 -52.80
C PHE F 44 -30.67 -17.44 -51.92
N SER F 45 -30.22 -17.40 -50.67
CA SER F 45 -30.64 -16.37 -49.70
C SER F 45 -29.39 -15.69 -49.12
N LEU F 46 -29.47 -14.37 -48.97
CA LEU F 46 -28.38 -13.57 -48.38
C LEU F 46 -28.81 -13.19 -46.96
N SER F 47 -28.07 -13.65 -45.97
CA SER F 47 -28.37 -13.39 -44.55
C SER F 47 -27.36 -12.38 -44.02
N VAL F 48 -27.83 -11.37 -43.27
CA VAL F 48 -27.01 -10.25 -42.82
C VAL F 48 -27.29 -9.88 -41.36
N LYS F 49 -26.24 -9.69 -40.56
CA LYS F 49 -26.41 -9.23 -39.18
C LYS F 49 -26.78 -7.74 -39.24
N PHE F 50 -27.70 -7.36 -38.36
CA PHE F 50 -28.20 -5.97 -38.23
C PHE F 50 -28.73 -5.78 -36.80
N GLY F 51 -27.87 -5.25 -35.92
CA GLY F 51 -28.25 -4.99 -34.53
C GLY F 51 -28.57 -6.25 -33.77
N ASN F 52 -29.76 -6.32 -33.16
CA ASN F 52 -30.20 -7.50 -32.41
C ASN F 52 -30.94 -8.50 -33.30
N ASP F 53 -30.88 -8.32 -34.62
CA ASP F 53 -31.59 -9.23 -35.52
C ASP F 53 -30.69 -9.62 -36.71
N VAL F 54 -31.28 -10.40 -37.62
CA VAL F 54 -30.61 -10.85 -38.84
C VAL F 54 -31.64 -10.73 -39.97
N GLN F 55 -31.26 -10.00 -40.99
CA GLN F 55 -32.16 -9.79 -42.14
C GLN F 55 -31.73 -10.73 -43.27
N HIS F 56 -32.75 -11.22 -43.98
CA HIS F 56 -32.58 -12.17 -45.08
C HIS F 56 -33.12 -11.57 -46.38
N PHE F 57 -32.36 -11.72 -47.43
CA PHE F 57 -32.69 -11.19 -48.76
C PHE F 57 -32.74 -12.35 -49.75
N LYS F 58 -33.77 -12.39 -50.59
CA LYS F 58 -33.86 -13.46 -51.59
C LYS F 58 -33.05 -13.04 -52.82
N VAL F 59 -32.10 -13.88 -53.23
CA VAL F 59 -31.31 -13.59 -54.43
C VAL F 59 -32.15 -13.93 -55.66
N LEU F 60 -32.48 -12.91 -56.45
CA LEU F 60 -33.30 -13.13 -57.64
C LEU F 60 -32.42 -13.34 -58.87
N ARG F 61 -32.99 -13.97 -59.89
CA ARG F 61 -32.29 -14.23 -61.16
C ARG F 61 -33.30 -13.99 -62.30
N ASP F 62 -32.92 -13.16 -63.27
CA ASP F 62 -33.82 -12.86 -64.40
C ASP F 62 -33.65 -13.85 -65.55
N GLY F 63 -34.40 -13.62 -66.63
CA GLY F 63 -34.40 -14.47 -67.83
C GLY F 63 -33.08 -14.43 -68.59
N ALA F 64 -32.34 -13.35 -68.40
CA ALA F 64 -31.03 -13.19 -69.04
C ALA F 64 -29.96 -13.84 -68.15
N GLY F 65 -30.37 -14.36 -66.99
CA GLY F 65 -29.43 -15.01 -66.10
C GLY F 65 -28.61 -14.11 -65.18
N LYS F 66 -29.03 -12.85 -65.00
CA LYS F 66 -28.35 -11.89 -64.14
C LYS F 66 -28.94 -11.95 -62.73
N TYR F 67 -28.09 -11.77 -61.71
CA TYR F 67 -28.51 -11.84 -60.30
C TYR F 67 -28.86 -10.44 -59.79
N PHE F 68 -29.82 -10.37 -58.86
CA PHE F 68 -30.27 -9.08 -58.31
C PHE F 68 -31.09 -9.26 -57.02
N LEU F 69 -31.27 -8.15 -56.33
CA LEU F 69 -32.09 -8.12 -55.10
C LEU F 69 -33.18 -7.07 -55.25
N TRP F 70 -32.84 -5.97 -55.94
CA TRP F 70 -33.76 -4.85 -56.09
C TRP F 70 -33.93 -4.47 -57.57
N VAL F 71 -33.19 -3.47 -58.07
CA VAL F 71 -33.33 -3.04 -59.47
C VAL F 71 -32.06 -3.32 -60.28
N VAL F 72 -30.89 -2.88 -59.77
CA VAL F 72 -29.62 -3.10 -60.48
C VAL F 72 -29.36 -4.61 -60.61
N LYS F 73 -29.02 -5.03 -61.83
CA LYS F 73 -28.72 -6.42 -62.20
C LYS F 73 -27.20 -6.62 -62.21
N PHE F 74 -26.74 -7.82 -61.84
CA PHE F 74 -25.30 -8.13 -61.78
C PHE F 74 -24.96 -9.36 -62.62
N ASN F 75 -23.74 -9.38 -63.15
CA ASN F 75 -23.26 -10.47 -64.03
C ASN F 75 -22.72 -11.65 -63.24
N SER F 76 -22.56 -11.47 -61.91
CA SER F 76 -22.05 -12.53 -61.04
C SER F 76 -22.48 -12.24 -59.60
N LEU F 77 -22.44 -13.29 -58.79
CA LEU F 77 -22.85 -13.18 -57.38
C LEU F 77 -21.82 -12.36 -56.60
N ASN F 78 -20.54 -12.53 -56.97
CA ASN F 78 -19.47 -11.78 -56.29
C ASN F 78 -19.56 -10.28 -56.60
N GLU F 79 -20.08 -9.93 -57.77
CA GLU F 79 -20.23 -8.52 -58.15
C GLU F 79 -21.38 -7.91 -57.37
N LEU F 80 -22.41 -8.72 -57.14
CA LEU F 80 -23.57 -8.29 -56.35
C LEU F 80 -23.09 -8.02 -54.92
N VAL F 81 -22.28 -8.94 -54.40
CA VAL F 81 -21.74 -8.86 -53.04
C VAL F 81 -20.82 -7.64 -52.91
N ASP F 82 -19.92 -7.46 -53.87
CA ASP F 82 -18.95 -6.36 -53.81
C ASP F 82 -19.63 -4.99 -53.88
N TYR F 83 -20.66 -4.90 -54.73
CA TYR F 83 -21.42 -3.66 -54.89
C TYR F 83 -22.06 -3.26 -53.57
N HIS F 84 -22.63 -4.26 -52.89
CA HIS F 84 -23.30 -4.03 -51.61
C HIS F 84 -22.34 -3.82 -50.44
N ARG F 85 -21.04 -3.78 -50.70
CA ARG F 85 -20.10 -3.41 -49.63
C ARG F 85 -20.02 -1.88 -49.53
N SER F 86 -20.47 -1.16 -50.58
CA SER F 86 -20.38 0.30 -50.59
C SER F 86 -21.72 0.99 -50.87
N THR F 87 -22.74 0.20 -51.21
CA THR F 87 -24.11 0.69 -51.39
C THR F 87 -24.96 -0.21 -50.49
N SER F 88 -25.93 0.36 -49.78
CA SER F 88 -26.76 -0.44 -48.88
C SER F 88 -27.42 -1.63 -49.60
N VAL F 89 -27.42 -2.74 -48.88
CA VAL F 89 -28.03 -4.00 -49.34
C VAL F 89 -29.55 -3.89 -49.20
N SER F 90 -29.99 -2.83 -48.50
CA SER F 90 -31.43 -2.61 -48.26
C SER F 90 -31.82 -1.20 -48.69
N ARG F 91 -33.03 -1.08 -49.23
CA ARG F 91 -33.53 0.25 -49.56
C ARG F 91 -34.30 0.81 -48.35
N ASN F 92 -34.37 0.03 -47.27
CA ASN F 92 -35.10 0.47 -46.08
C ASN F 92 -34.16 1.07 -45.02
N GLN F 93 -33.06 0.37 -44.74
CA GLN F 93 -32.06 0.85 -43.77
C GLN F 93 -30.68 0.83 -44.43
N GLN F 94 -29.74 1.55 -43.86
CA GLN F 94 -28.36 1.60 -44.36
C GLN F 94 -27.57 0.44 -43.77
N ILE F 95 -27.27 -0.56 -44.59
CA ILE F 95 -26.53 -1.77 -44.15
C ILE F 95 -25.54 -2.15 -45.25
N PHE F 96 -24.26 -2.18 -44.88
CA PHE F 96 -23.23 -2.49 -45.87
C PHE F 96 -22.66 -3.87 -45.54
N LEU F 97 -22.39 -4.65 -46.58
CA LEU F 97 -21.85 -6.00 -46.37
C LEU F 97 -20.36 -5.94 -46.01
N ARG F 98 -20.01 -6.76 -45.03
CA ARG F 98 -18.62 -6.96 -44.59
C ARG F 98 -18.40 -8.44 -44.28
N ASP F 99 -17.18 -8.92 -44.49
CA ASP F 99 -16.87 -10.34 -44.30
C ASP F 99 -17.07 -10.81 -42.85
N ILE F 100 -17.48 -12.07 -42.72
CA ILE F 100 -17.61 -12.71 -41.40
C ILE F 100 -16.21 -12.82 -40.81
N GLU F 101 -16.10 -12.58 -39.51
CA GLU F 101 -14.81 -12.68 -38.83
C GLU F 101 -14.74 -14.05 -38.14
N GLN F 102 -13.62 -14.75 -38.33
CA GLN F 102 -13.29 -16.10 -37.81
C GLN F 102 -14.33 -17.15 -38.20
N VAL G 2 20.04 -5.01 10.39
CA VAL G 2 20.20 -4.34 9.09
C VAL G 2 21.67 -4.25 8.72
N ASN G 3 22.54 -4.02 9.72
CA ASN G 3 23.94 -3.76 9.41
C ASN G 3 24.88 -4.97 9.44
N VAL G 4 24.52 -6.07 10.10
CA VAL G 4 25.40 -7.24 10.16
C VAL G 4 24.56 -8.53 10.09
N PRO G 5 25.12 -9.69 9.74
CA PRO G 5 24.39 -10.97 9.68
C PRO G 5 24.12 -11.43 11.12
N VAL H 2 16.97 -9.26 0.22
CA VAL H 2 18.25 -8.57 0.00
C VAL H 2 18.23 -7.15 0.58
N ASN H 3 17.08 -6.47 0.54
CA ASN H 3 17.02 -5.06 0.93
C ASN H 3 16.59 -4.79 2.38
N VAL H 4 15.92 -5.74 3.03
CA VAL H 4 15.50 -5.55 4.43
C VAL H 4 15.73 -6.85 5.21
N PRO H 5 15.81 -6.83 6.54
CA PRO H 5 16.00 -8.02 7.37
C PRO H 5 14.64 -8.71 7.49
N VAL I 2 -20.19 11.69 -0.39
CA VAL I 2 -20.34 10.23 -0.30
C VAL I 2 -21.81 9.84 -0.39
N ASN I 3 -22.69 10.65 0.20
CA ASN I 3 -24.11 10.29 0.29
C ASN I 3 -25.02 10.86 -0.80
N VAL I 4 -24.63 11.90 -1.52
CA VAL I 4 -25.50 12.46 -2.57
C VAL I 4 -24.67 12.91 -3.78
N PRO I 5 -25.24 13.05 -4.97
CA PRO I 5 -24.53 13.54 -6.16
C PRO I 5 -24.20 15.02 -5.99
N VAL J 2 -16.98 4.19 -8.43
CA VAL J 2 -18.28 3.72 -7.92
C VAL J 2 -18.29 3.67 -6.40
N ASN J 3 -17.15 3.34 -5.78
CA ASN J 3 -17.14 3.14 -4.33
C ASN J 3 -16.72 4.37 -3.51
N VAL J 4 -16.04 5.32 -4.13
CA VAL J 4 -15.62 6.52 -3.37
C VAL J 4 -15.78 7.77 -4.25
N PRO J 5 -15.97 8.95 -3.68
CA PRO J 5 -16.12 10.20 -4.45
C PRO J 5 -14.74 10.60 -4.99
N VAL K 2 36.44 6.56 42.17
CA VAL K 2 36.54 5.83 43.45
C VAL K 2 37.01 4.39 43.25
N ASN K 3 36.56 3.69 42.17
CA ASN K 3 36.84 2.25 41.98
C ASN K 3 38.05 1.89 41.12
N VAL K 4 38.61 2.85 40.37
CA VAL K 4 39.78 2.53 39.54
C VAL K 4 40.72 3.76 39.48
N PRO K 5 42.03 3.60 39.28
CA PRO K 5 42.99 4.72 39.22
C PRO K 5 42.72 5.51 37.93
N VAL L 2 -36.55 -9.18 -46.72
CA VAL L 2 -36.70 -7.72 -46.86
C VAL L 2 -37.12 -7.35 -48.29
N ASN L 3 -36.66 -8.09 -49.30
CA ASN L 3 -36.92 -7.70 -50.70
C ASN L 3 -38.17 -8.27 -51.36
N VAL L 4 -38.82 -9.27 -50.79
CA VAL L 4 -40.02 -9.85 -51.42
C VAL L 4 -40.91 -10.47 -50.34
N PRO L 5 -42.21 -10.62 -50.57
CA PRO L 5 -43.17 -11.21 -49.63
C PRO L 5 -42.85 -12.69 -49.47
#